data_8JB7
#
_entry.id   8JB7
#
_cell.length_a   79.846
_cell.length_b   89.687
_cell.length_c   104.495
_cell.angle_alpha   90.000
_cell.angle_beta   90.000
_cell.angle_gamma   90.000
#
_symmetry.space_group_name_H-M   'P 21 21 21'
#
loop_
_entity.id
_entity.type
_entity.pdbx_description
1 polymer Beta-lactamase
2 non-polymer 'SULFATE ION'
3 water water
#
_entity_poly.entity_id   1
_entity_poly.type   'polypeptide(L)'
_entity_poly.pdbx_seq_one_letter_code
;MKTEQQIADIVNRTITPLMQEQAIPGMAVAVIYQGKPYYFTWGKADIANNHPVTQQTLFELGSVSKTFNGVLGGDAIARG
EIKLSDPVTKYWPELTGKQWQGIRLLHLATYTEGGLPLKIPDDVRDKAALLHFYQNWQPQWTPGAKRLYANSSIGLFGAL
AVKPSGMSYEEAMTRRVLQPLKLAHTWITVPQNEQKDYAWGYREGKPVHSSPGQLDAEAYGVKSSVIDMARWVQANMDAS
HVQEKTLQQGIALAQSRYWRIGDMYQGLGWEMLNWPLKADSIINGSDSKVALAALPAVEVNPPAPAVKASWVHKTGSTGG
FGSYVAFVPEKNLGIVMLANKSYPYPVRVEAAWRILEKLQ
;
_entity_poly.pdbx_strand_id   A,B
#
loop_
_chem_comp.id
_chem_comp.type
_chem_comp.name
_chem_comp.formula
SO4 non-polymer 'SULFATE ION' 'O4 S -2'
#
# COMPACT_ATOMS: atom_id res chain seq x y z
N MET A 1 1.25 -9.08 -45.85
CA MET A 1 1.24 -9.68 -44.53
C MET A 1 2.63 -10.09 -44.07
N LYS A 2 2.84 -10.11 -42.75
CA LYS A 2 4.16 -10.35 -42.18
C LYS A 2 4.52 -11.83 -42.23
N THR A 3 5.83 -12.10 -42.34
CA THR A 3 6.35 -13.45 -42.22
C THR A 3 6.50 -13.83 -40.76
N GLU A 4 6.63 -15.14 -40.52
CA GLU A 4 6.92 -15.61 -39.16
C GLU A 4 8.14 -14.93 -38.58
N GLN A 5 9.20 -14.78 -39.37
CA GLN A 5 10.42 -14.16 -38.84
C GLN A 5 10.17 -12.70 -38.46
N GLN A 6 9.38 -11.98 -39.27
CA GLN A 6 9.06 -10.60 -38.94
C GLN A 6 8.24 -10.51 -37.65
N ILE A 7 7.30 -11.44 -37.46
CA ILE A 7 6.54 -11.46 -36.22
C ILE A 7 7.44 -11.79 -35.05
N ALA A 8 8.31 -12.80 -35.20
CA ALA A 8 9.25 -13.14 -34.15
C ALA A 8 10.12 -11.95 -33.76
N ASP A 9 10.62 -11.21 -34.76
CA ASP A 9 11.45 -10.04 -34.47
C ASP A 9 10.67 -9.04 -33.61
N ILE A 10 9.42 -8.78 -33.97
CA ILE A 10 8.59 -7.85 -33.21
C ILE A 10 8.39 -8.33 -31.77
N VAL A 11 8.06 -9.61 -31.62
CA VAL A 11 7.78 -10.14 -30.28
C VAL A 11 9.04 -10.13 -29.43
N ASN A 12 10.15 -10.66 -29.98
CA ASN A 12 11.38 -10.74 -29.20
C ASN A 12 11.89 -9.36 -28.81
N ARG A 13 11.74 -8.36 -29.70
CA ARG A 13 12.20 -7.01 -29.38
C ARG A 13 11.51 -6.44 -28.15
N THR A 14 10.26 -6.85 -27.90
CA THR A 14 9.55 -6.43 -26.69
C THR A 14 9.81 -7.35 -25.51
N ILE A 15 9.80 -8.67 -25.73
CA ILE A 15 9.85 -9.61 -24.60
C ILE A 15 11.24 -9.70 -24.00
N THR A 16 12.31 -9.64 -24.82
CA THR A 16 13.66 -9.80 -24.29
C THR A 16 13.98 -8.76 -23.22
N PRO A 17 13.82 -7.45 -23.46
CA PRO A 17 14.08 -6.50 -22.36
C PRO A 17 13.08 -6.65 -21.22
N LEU A 18 11.82 -6.98 -21.53
CA LEU A 18 10.83 -7.16 -20.47
C LEU A 18 11.28 -8.19 -19.45
N MET A 19 11.70 -9.37 -19.91
CA MET A 19 12.06 -10.44 -18.97
C MET A 19 13.26 -10.06 -18.14
N GLN A 20 14.23 -9.37 -18.74
CA GLN A 20 15.43 -8.97 -18.01
C GLN A 20 15.11 -7.91 -16.97
N GLU A 21 14.37 -6.87 -17.38
CA GLU A 21 14.05 -5.76 -16.49
C GLU A 21 13.16 -6.20 -15.33
N GLN A 22 12.23 -7.12 -15.59
CA GLN A 22 11.27 -7.54 -14.58
C GLN A 22 11.69 -8.82 -13.84
N ALA A 23 12.86 -9.38 -14.18
CA ALA A 23 13.36 -10.60 -13.53
C ALA A 23 12.38 -11.76 -13.67
N ILE A 24 11.77 -11.88 -14.85
CA ILE A 24 10.81 -12.95 -15.10
C ILE A 24 11.56 -14.20 -15.53
N PRO A 25 11.43 -15.33 -14.82
CA PRO A 25 12.20 -16.52 -15.21
C PRO A 25 11.75 -17.14 -16.51
N GLY A 26 10.45 -17.17 -16.78
CA GLY A 26 9.91 -17.89 -17.91
C GLY A 26 8.68 -17.21 -18.46
N MET A 27 8.51 -17.22 -19.78
CA MET A 27 7.33 -16.65 -20.38
C MET A 27 6.93 -17.50 -21.58
N ALA A 28 5.63 -17.49 -21.88
CA ALA A 28 5.10 -18.04 -23.11
C ALA A 28 4.13 -17.02 -23.68
N VAL A 29 4.27 -16.77 -24.98
CA VAL A 29 3.45 -15.78 -25.68
C VAL A 29 2.84 -16.43 -26.91
N ALA A 30 1.58 -16.12 -27.18
CA ALA A 30 1.00 -16.43 -28.47
C ALA A 30 0.50 -15.14 -29.08
N VAL A 31 0.77 -14.96 -30.36
CA VAL A 31 0.20 -13.87 -31.13
C VAL A 31 -0.73 -14.48 -32.14
N ILE A 32 -1.96 -14.00 -32.21
CA ILE A 32 -2.90 -14.41 -33.24
C ILE A 32 -2.90 -13.31 -34.28
N TYR A 33 -2.48 -13.65 -35.50
CA TYR A 33 -2.23 -12.68 -36.55
C TYR A 33 -2.78 -13.22 -37.85
N GLN A 34 -3.65 -12.45 -38.49
CA GLN A 34 -4.31 -12.84 -39.73
C GLN A 34 -4.85 -14.26 -39.64
N GLY A 35 -5.45 -14.60 -38.50
CA GLY A 35 -6.10 -15.89 -38.34
C GLY A 35 -5.23 -16.99 -37.75
N LYS A 36 -3.91 -16.79 -37.62
CA LYS A 36 -3.04 -17.88 -37.25
C LYS A 36 -2.35 -17.59 -35.92
N PRO A 37 -2.26 -18.57 -35.02
CA PRO A 37 -1.45 -18.40 -33.82
C PRO A 37 0.02 -18.65 -34.09
N TYR A 38 0.85 -17.81 -33.48
CA TYR A 38 2.29 -17.94 -33.51
C TYR A 38 2.74 -18.07 -32.05
N TYR A 39 3.52 -19.10 -31.75
CA TYR A 39 3.93 -19.42 -30.37
C TYR A 39 5.38 -19.09 -30.12
N PHE A 40 5.65 -18.62 -28.91
CA PHE A 40 7.00 -18.27 -28.45
C PHE A 40 7.14 -18.68 -27.00
N THR A 41 8.31 -19.23 -26.65
CA THR A 41 8.60 -19.62 -25.29
C THR A 41 10.02 -19.20 -24.94
N TRP A 42 10.22 -18.76 -23.70
CA TRP A 42 11.55 -18.39 -23.25
C TRP A 42 11.74 -18.79 -21.80
N GLY A 43 12.96 -19.21 -21.45
CA GLY A 43 13.32 -19.25 -20.05
C GLY A 43 12.95 -20.53 -19.32
N LYS A 44 12.80 -20.39 -18.00
N LYS A 44 12.83 -20.39 -18.01
CA LYS A 44 12.72 -21.54 -17.11
CA LYS A 44 12.72 -21.54 -17.11
C LYS A 44 11.39 -21.59 -16.40
C LYS A 44 11.37 -21.58 -16.42
N ALA A 45 10.74 -22.76 -16.43
CA ALA A 45 9.57 -23.04 -15.62
C ALA A 45 9.97 -23.38 -14.18
N ASP A 46 11.19 -23.90 -14.00
CA ASP A 46 11.70 -24.25 -12.68
C ASP A 46 13.20 -23.95 -12.76
N ILE A 47 13.64 -22.93 -12.01
CA ILE A 47 15.06 -22.54 -12.09
C ILE A 47 15.95 -23.62 -11.47
N ALA A 48 15.69 -23.98 -10.22
CA ALA A 48 16.63 -24.88 -9.54
C ALA A 48 16.74 -26.24 -10.24
N ASN A 49 15.66 -26.72 -10.87
CA ASN A 49 15.67 -28.03 -11.51
C ASN A 49 15.87 -27.94 -13.02
N ASN A 50 16.12 -26.73 -13.54
CA ASN A 50 16.49 -26.53 -14.94
C ASN A 50 15.42 -27.00 -15.92
N HIS A 51 14.16 -26.74 -15.62
CA HIS A 51 13.10 -27.16 -16.53
C HIS A 51 12.74 -25.98 -17.41
N PRO A 52 12.83 -26.10 -18.74
CA PRO A 52 12.46 -24.98 -19.62
C PRO A 52 10.96 -24.79 -19.71
N VAL A 53 10.57 -23.56 -20.05
CA VAL A 53 9.22 -23.31 -20.55
C VAL A 53 9.09 -23.98 -21.92
N THR A 54 7.99 -24.71 -22.11
CA THR A 54 7.63 -25.30 -23.39
C THR A 54 6.21 -24.90 -23.72
N GLN A 55 5.74 -25.32 -24.90
CA GLN A 55 4.37 -25.06 -25.31
C GLN A 55 3.35 -25.83 -24.48
N GLN A 56 3.80 -26.75 -23.63
CA GLN A 56 2.95 -27.51 -22.72
C GLN A 56 3.04 -27.03 -21.28
N THR A 57 3.90 -26.07 -20.97
CA THR A 57 4.02 -25.60 -19.60
C THR A 57 2.72 -24.97 -19.14
N LEU A 58 2.30 -25.32 -17.91
CA LEU A 58 1.10 -24.78 -17.29
C LEU A 58 1.46 -23.59 -16.40
N PHE A 59 0.74 -22.49 -16.58
CA PHE A 59 0.89 -21.28 -15.80
C PHE A 59 -0.39 -21.04 -15.00
N GLU A 60 -0.26 -20.51 -13.79
CA GLU A 60 -1.44 -20.04 -13.05
C GLU A 60 -1.96 -18.77 -13.69
N LEU A 61 -3.24 -18.79 -14.11
CA LEU A 61 -3.85 -17.66 -14.80
C LEU A 61 -4.31 -16.56 -13.87
N GLY A 62 -4.47 -16.84 -12.58
CA GLY A 62 -5.08 -15.84 -11.72
C GLY A 62 -6.45 -15.44 -12.24
N SER A 63 -6.77 -14.16 -12.14
N SER A 63 -6.72 -14.12 -12.18
CA SER A 63 -8.12 -13.73 -12.51
CA SER A 63 -8.02 -13.54 -12.55
C SER A 63 -8.44 -13.81 -14.01
C SER A 63 -8.44 -13.82 -14.00
N VAL A 64 -7.52 -14.20 -14.88
CA VAL A 64 -7.93 -14.60 -16.23
C VAL A 64 -8.90 -15.77 -16.16
N SER A 65 -8.88 -16.53 -15.05
CA SER A 65 -9.87 -17.58 -14.80
C SER A 65 -11.30 -17.07 -14.91
N LYS A 66 -11.52 -15.77 -14.65
CA LYS A 66 -12.88 -15.23 -14.72
C LYS A 66 -13.44 -15.25 -16.13
N THR A 67 -12.60 -15.32 -17.18
CA THR A 67 -13.14 -15.41 -18.54
C THR A 67 -13.78 -16.77 -18.76
N PHE A 68 -13.21 -17.83 -18.16
CA PHE A 68 -13.81 -19.16 -18.24
C PHE A 68 -15.13 -19.18 -17.49
N ASN A 69 -15.16 -18.55 -16.30
CA ASN A 69 -16.39 -18.40 -15.53
C ASN A 69 -17.46 -17.71 -16.37
N GLY A 70 -17.13 -16.58 -17.00
CA GLY A 70 -18.12 -15.84 -17.77
C GLY A 70 -18.69 -16.65 -18.92
N VAL A 71 -17.83 -17.40 -19.62
CA VAL A 71 -18.31 -18.23 -20.74
C VAL A 71 -19.18 -19.37 -20.25
N LEU A 72 -18.78 -20.03 -19.16
CA LEU A 72 -19.63 -21.08 -18.57
C LEU A 72 -21.00 -20.51 -18.18
N GLY A 73 -21.01 -19.31 -17.57
CA GLY A 73 -22.27 -18.67 -17.24
C GLY A 73 -23.09 -18.32 -18.46
N GLY A 74 -22.43 -17.81 -19.51
CA GLY A 74 -23.13 -17.53 -20.76
C GLY A 74 -23.75 -18.78 -21.36
N ASP A 75 -23.03 -19.89 -21.30
CA ASP A 75 -23.57 -21.16 -21.77
C ASP A 75 -24.79 -21.59 -20.96
N ALA A 76 -24.78 -21.36 -19.65
CA ALA A 76 -25.94 -21.67 -18.81
C ALA A 76 -27.13 -20.79 -19.17
N ILE A 77 -26.88 -19.51 -19.49
CA ILE A 77 -27.94 -18.61 -19.95
C ILE A 77 -28.52 -19.13 -21.25
N ALA A 78 -27.65 -19.49 -22.19
CA ALA A 78 -28.09 -19.98 -23.49
C ALA A 78 -28.86 -21.28 -23.38
N ARG A 79 -28.51 -22.14 -22.41
CA ARG A 79 -29.24 -23.37 -22.14
C ARG A 79 -30.60 -23.14 -21.47
N GLY A 80 -30.90 -21.91 -21.05
CA GLY A 80 -32.14 -21.64 -20.35
C GLY A 80 -32.12 -22.08 -18.91
N GLU A 81 -30.94 -22.36 -18.36
CA GLU A 81 -30.86 -22.86 -16.99
C GLU A 81 -30.91 -21.75 -15.97
N ILE A 82 -30.41 -20.56 -16.31
CA ILE A 82 -30.40 -19.40 -15.43
C ILE A 82 -30.72 -18.17 -16.27
N LYS A 83 -31.17 -17.13 -15.58
CA LYS A 83 -31.24 -15.78 -16.15
C LYS A 83 -30.48 -14.86 -15.22
N LEU A 84 -29.73 -13.89 -15.78
CA LEU A 84 -29.02 -12.96 -14.91
C LEU A 84 -29.96 -12.10 -14.09
N SER A 85 -31.20 -11.92 -14.56
CA SER A 85 -32.18 -11.18 -13.77
C SER A 85 -32.65 -11.96 -12.55
N ASP A 86 -32.36 -13.25 -12.44
CA ASP A 86 -32.85 -14.03 -11.30
C ASP A 86 -32.24 -13.52 -9.99
N PRO A 87 -33.02 -13.50 -8.91
CA PRO A 87 -32.44 -13.19 -7.60
C PRO A 87 -31.44 -14.24 -7.16
N VAL A 88 -30.39 -13.79 -6.47
CA VAL A 88 -29.44 -14.72 -5.87
C VAL A 88 -30.16 -15.72 -4.97
N THR A 89 -31.21 -15.27 -4.27
CA THR A 89 -31.93 -16.14 -3.33
C THR A 89 -32.66 -17.29 -4.02
N LYS A 90 -32.88 -17.23 -5.34
CA LYS A 90 -33.42 -18.39 -6.06
C LYS A 90 -32.45 -19.56 -5.99
N TYR A 91 -31.15 -19.27 -5.95
CA TYR A 91 -30.10 -20.28 -5.98
C TYR A 91 -29.44 -20.52 -4.63
N TRP A 92 -29.54 -19.58 -3.69
CA TRP A 92 -29.04 -19.77 -2.33
C TRP A 92 -30.07 -19.20 -1.38
N PRO A 93 -31.14 -19.94 -1.13
CA PRO A 93 -32.25 -19.41 -0.32
C PRO A 93 -31.87 -19.08 1.11
N GLU A 94 -30.76 -19.63 1.60
CA GLU A 94 -30.34 -19.38 2.98
C GLU A 94 -29.76 -17.98 3.18
N LEU A 95 -29.55 -17.21 2.11
CA LEU A 95 -29.17 -15.80 2.24
C LEU A 95 -30.44 -14.99 2.52
N THR A 96 -30.89 -15.04 3.77
CA THR A 96 -32.18 -14.45 4.13
C THR A 96 -32.11 -12.99 4.54
N GLY A 97 -30.90 -12.41 4.67
CA GLY A 97 -30.81 -11.04 5.13
C GLY A 97 -31.36 -10.06 4.12
N LYS A 98 -31.90 -8.96 4.65
CA LYS A 98 -32.51 -7.94 3.79
C LYS A 98 -31.53 -7.41 2.75
N GLN A 99 -30.23 -7.41 3.05
CA GLN A 99 -29.27 -6.88 2.11
C GLN A 99 -29.15 -7.72 0.85
N TRP A 100 -29.61 -8.97 0.88
CA TRP A 100 -29.61 -9.82 -0.31
C TRP A 100 -30.86 -9.70 -1.18
N GLN A 101 -31.91 -9.00 -0.71
N GLN A 101 -31.92 -9.04 -0.69
CA GLN A 101 -33.21 -9.10 -1.37
CA GLN A 101 -33.22 -9.05 -1.38
C GLN A 101 -33.20 -8.65 -2.83
C GLN A 101 -33.07 -8.72 -2.86
N GLY A 102 -32.49 -7.57 -3.15
CA GLY A 102 -32.42 -7.06 -4.51
C GLY A 102 -31.19 -7.45 -5.31
N ILE A 103 -30.36 -8.35 -4.80
CA ILE A 103 -29.14 -8.73 -5.51
C ILE A 103 -29.47 -9.87 -6.47
N ARG A 104 -29.13 -9.68 -7.74
CA ARG A 104 -29.42 -10.63 -8.81
C ARG A 104 -28.11 -11.30 -9.24
N LEU A 105 -28.24 -12.43 -9.96
CA LEU A 105 -27.04 -13.05 -10.49
C LEU A 105 -26.23 -12.07 -11.34
N LEU A 106 -26.92 -11.19 -12.08
CA LEU A 106 -26.26 -10.13 -12.84
C LEU A 106 -25.21 -9.41 -11.99
N HIS A 107 -25.59 -9.04 -10.77
CA HIS A 107 -24.72 -8.20 -9.94
C HIS A 107 -23.49 -8.97 -9.50
N LEU A 108 -23.64 -10.24 -9.08
CA LEU A 108 -22.48 -11.03 -8.71
C LEU A 108 -21.54 -11.21 -9.89
N ALA A 109 -22.11 -11.45 -11.08
CA ALA A 109 -21.29 -11.73 -12.25
C ALA A 109 -20.47 -10.53 -12.70
N THR A 110 -20.86 -9.32 -12.30
CA THR A 110 -20.29 -8.09 -12.86
C THR A 110 -19.77 -7.13 -11.80
N TYR A 111 -19.63 -7.59 -10.54
CA TYR A 111 -19.03 -6.78 -9.47
C TYR A 111 -19.89 -5.59 -9.07
N THR A 112 -21.21 -5.68 -9.23
CA THR A 112 -22.10 -4.55 -8.99
C THR A 112 -23.05 -4.79 -7.81
N GLU A 113 -22.77 -5.80 -7.00
CA GLU A 113 -23.69 -6.20 -5.95
C GLU A 113 -23.75 -5.26 -4.76
N GLY A 114 -22.76 -4.39 -4.56
CA GLY A 114 -22.83 -3.50 -3.42
C GLY A 114 -21.56 -3.43 -2.57
N GLY A 115 -20.53 -4.21 -2.92
CA GLY A 115 -19.23 -4.05 -2.28
C GLY A 115 -18.72 -5.25 -1.50
N LEU A 116 -18.77 -6.44 -2.08
CA LEU A 116 -18.13 -7.62 -1.48
C LEU A 116 -16.61 -7.44 -1.47
N PRO A 117 -15.91 -8.11 -0.56
CA PRO A 117 -14.47 -7.89 -0.43
C PRO A 117 -13.66 -8.55 -1.54
N LEU A 118 -12.42 -8.08 -1.67
CA LEU A 118 -11.57 -8.55 -2.77
C LEU A 118 -11.42 -10.07 -2.74
N LYS A 119 -11.17 -10.64 -1.57
CA LYS A 119 -11.11 -12.08 -1.43
C LYS A 119 -11.97 -12.49 -0.24
N ILE A 120 -12.55 -13.70 -0.34
CA ILE A 120 -13.11 -14.34 0.85
C ILE A 120 -12.02 -14.43 1.93
N PRO A 121 -12.33 -14.15 3.20
CA PRO A 121 -11.30 -14.23 4.26
C PRO A 121 -10.62 -15.59 4.31
N ASP A 122 -9.34 -15.56 4.68
N ASP A 122 -9.35 -15.57 4.69
CA ASP A 122 -8.53 -16.78 4.74
CA ASP A 122 -8.55 -16.79 4.71
C ASP A 122 -9.11 -17.81 5.70
C ASP A 122 -9.05 -17.80 5.73
N ASP A 123 -9.71 -17.36 6.80
CA ASP A 123 -10.20 -18.29 7.81
C ASP A 123 -11.56 -18.90 7.47
N VAL A 124 -12.13 -18.60 6.30
CA VAL A 124 -13.36 -19.22 5.85
C VAL A 124 -12.96 -20.45 5.03
N ARG A 125 -13.07 -21.64 5.63
CA ARG A 125 -12.53 -22.85 5.03
C ARG A 125 -13.52 -23.99 4.91
N ASP A 126 -14.81 -23.73 5.09
CA ASP A 126 -15.82 -24.77 4.92
C ASP A 126 -17.14 -24.12 4.51
N LYS A 127 -18.08 -24.96 4.11
CA LYS A 127 -19.34 -24.46 3.58
C LYS A 127 -20.12 -23.67 4.64
N ALA A 128 -20.09 -24.14 5.91
CA ALA A 128 -20.80 -23.42 6.96
C ALA A 128 -20.23 -22.02 7.15
N ALA A 129 -18.90 -21.91 7.17
CA ALA A 129 -18.27 -20.60 7.33
C ALA A 129 -18.52 -19.72 6.12
N LEU A 130 -18.60 -20.30 4.92
CA LEU A 130 -18.85 -19.50 3.72
C LEU A 130 -20.25 -18.90 3.78
N LEU A 131 -21.24 -19.71 4.17
CA LEU A 131 -22.60 -19.19 4.33
C LEU A 131 -22.63 -18.06 5.35
N HIS A 132 -21.97 -18.26 6.50
CA HIS A 132 -21.96 -17.24 7.54
C HIS A 132 -21.36 -15.93 7.02
N PHE A 133 -20.25 -16.05 6.28
CA PHE A 133 -19.61 -14.85 5.72
C PHE A 133 -20.56 -14.05 4.83
N TYR A 134 -21.21 -14.72 3.88
CA TYR A 134 -22.11 -13.99 2.98
C TYR A 134 -23.33 -13.47 3.71
N GLN A 135 -23.87 -14.27 4.64
N GLN A 135 -23.88 -14.24 4.66
CA GLN A 135 -25.07 -13.86 5.38
CA GLN A 135 -25.09 -13.82 5.34
C GLN A 135 -24.84 -12.55 6.13
C GLN A 135 -24.87 -12.61 6.24
N ASN A 136 -23.65 -12.35 6.67
CA ASN A 136 -23.37 -11.22 7.56
C ASN A 136 -22.64 -10.08 6.87
N TRP A 137 -22.30 -10.23 5.59
CA TRP A 137 -21.72 -9.12 4.84
C TRP A 137 -22.74 -8.00 4.67
N GLN A 138 -22.28 -6.76 4.84
CA GLN A 138 -23.16 -5.63 4.64
C GLN A 138 -22.70 -4.79 3.47
N PRO A 139 -23.57 -4.48 2.52
CA PRO A 139 -23.15 -3.67 1.37
C PRO A 139 -22.88 -2.23 1.76
N GLN A 140 -22.08 -1.61 0.91
CA GLN A 140 -21.76 -0.20 0.99
C GLN A 140 -22.69 0.67 0.15
N TRP A 141 -23.27 0.08 -0.91
N TRP A 141 -23.29 0.12 -0.91
CA TRP A 141 -24.12 0.77 -1.86
CA TRP A 141 -24.20 0.89 -1.75
C TRP A 141 -25.24 -0.16 -2.25
C TRP A 141 -25.21 -0.09 -2.34
N THR A 142 -26.24 0.40 -2.92
N THR A 142 -26.26 0.45 -2.95
CA THR A 142 -27.34 -0.38 -3.48
CA THR A 142 -27.32 -0.39 -3.50
C THR A 142 -26.85 -1.14 -4.72
C THR A 142 -26.84 -1.14 -4.74
N PRO A 143 -27.51 -2.23 -5.10
CA PRO A 143 -27.11 -2.95 -6.33
C PRO A 143 -27.09 -2.03 -7.54
N GLY A 144 -26.01 -2.12 -8.32
CA GLY A 144 -25.85 -1.28 -9.50
C GLY A 144 -25.21 0.07 -9.27
N ALA A 145 -25.08 0.52 -8.03
CA ALA A 145 -24.59 1.87 -7.80
C ALA A 145 -23.15 2.00 -8.27
N LYS A 146 -22.33 0.99 -8.00
CA LYS A 146 -20.91 1.04 -8.29
C LYS A 146 -20.45 -0.33 -8.72
N ARG A 147 -19.41 -0.34 -9.54
CA ARG A 147 -18.63 -1.53 -9.81
C ARG A 147 -17.42 -1.49 -8.89
N LEU A 148 -17.20 -2.60 -8.16
CA LEU A 148 -16.01 -2.74 -7.31
C LEU A 148 -15.52 -4.17 -7.53
N TYR A 149 -14.42 -4.29 -8.27
N TYR A 149 -14.43 -4.30 -8.30
CA TYR A 149 -13.86 -5.59 -8.63
CA TYR A 149 -13.90 -5.60 -8.65
C TYR A 149 -13.63 -6.45 -7.38
C TYR A 149 -13.64 -6.44 -7.40
N ALA A 150 -13.98 -7.72 -7.48
CA ALA A 150 -13.78 -8.64 -6.36
C ALA A 150 -13.71 -10.07 -6.88
N ASN A 151 -13.03 -10.93 -6.12
CA ASN A 151 -13.12 -12.37 -6.38
C ASN A 151 -14.38 -12.97 -5.74
N SER A 152 -14.84 -12.40 -4.63
CA SER A 152 -15.91 -13.04 -3.86
C SER A 152 -17.27 -12.90 -4.52
N SER A 153 -17.44 -11.94 -5.42
CA SER A 153 -18.72 -11.78 -6.11
C SER A 153 -18.81 -12.73 -7.29
N ILE A 154 -17.89 -12.59 -8.25
CA ILE A 154 -17.97 -13.46 -9.42
C ILE A 154 -17.71 -14.92 -9.04
N GLY A 155 -16.91 -15.16 -7.99
CA GLY A 155 -16.72 -16.53 -7.52
C GLY A 155 -18.04 -17.17 -7.11
N LEU A 156 -18.86 -16.42 -6.35
CA LEU A 156 -20.17 -16.95 -5.97
C LEU A 156 -21.08 -17.09 -7.17
N PHE A 157 -21.02 -16.16 -8.13
CA PHE A 157 -21.80 -16.31 -9.35
C PHE A 157 -21.53 -17.66 -10.02
N GLY A 158 -20.25 -18.03 -10.13
CA GLY A 158 -19.92 -19.30 -10.76
C GLY A 158 -20.50 -20.49 -10.02
N ALA A 159 -20.41 -20.48 -8.68
CA ALA A 159 -20.96 -21.58 -7.89
C ALA A 159 -22.47 -21.68 -8.07
N LEU A 160 -23.16 -20.54 -8.16
CA LEU A 160 -24.62 -20.59 -8.28
C LEU A 160 -25.05 -20.95 -9.70
N ALA A 161 -24.30 -20.48 -10.70
CA ALA A 161 -24.70 -20.63 -12.10
C ALA A 161 -24.74 -22.10 -12.52
N VAL A 162 -23.92 -22.95 -11.89
CA VAL A 162 -23.86 -24.36 -12.25
C VAL A 162 -24.85 -25.22 -11.46
N LYS A 163 -25.60 -24.63 -10.52
CA LYS A 163 -26.53 -25.43 -9.73
C LYS A 163 -27.57 -26.18 -10.56
N PRO A 164 -28.26 -25.55 -11.53
CA PRO A 164 -29.25 -26.31 -12.32
C PRO A 164 -28.68 -27.52 -13.05
N SER A 165 -27.38 -27.49 -13.37
CA SER A 165 -26.76 -28.59 -14.11
C SER A 165 -26.57 -29.83 -13.24
N GLY A 166 -26.61 -29.67 -11.92
CA GLY A 166 -26.34 -30.76 -11.01
C GLY A 166 -24.89 -31.17 -10.92
N MET A 167 -24.00 -30.49 -11.62
CA MET A 167 -22.57 -30.78 -11.61
C MET A 167 -21.83 -29.81 -10.69
N SER A 168 -20.68 -30.25 -10.22
CA SER A 168 -19.78 -29.29 -9.57
C SER A 168 -19.26 -28.29 -10.61
N TYR A 169 -18.74 -27.16 -10.12
CA TYR A 169 -18.19 -26.17 -11.04
C TYR A 169 -17.10 -26.77 -11.91
N GLU A 170 -16.19 -27.54 -11.31
CA GLU A 170 -15.11 -28.13 -12.09
C GLU A 170 -15.64 -29.13 -13.13
N GLU A 171 -16.63 -29.95 -12.73
N GLU A 171 -16.62 -29.96 -12.75
CA GLU A 171 -17.24 -30.91 -13.64
CA GLU A 171 -17.17 -30.90 -13.71
C GLU A 171 -17.92 -30.21 -14.80
C GLU A 171 -17.88 -30.17 -14.84
N ALA A 172 -18.68 -29.15 -14.50
CA ALA A 172 -19.40 -28.42 -15.55
C ALA A 172 -18.44 -27.69 -16.47
N MET A 173 -17.40 -27.05 -15.92
CA MET A 173 -16.41 -26.38 -16.76
C MET A 173 -15.77 -27.35 -17.73
N THR A 174 -15.41 -28.54 -17.22
CA THR A 174 -14.76 -29.55 -18.05
C THR A 174 -15.70 -30.04 -19.14
N ARG A 175 -16.93 -30.39 -18.78
CA ARG A 175 -17.83 -31.00 -19.74
C ARG A 175 -18.36 -29.99 -20.75
N ARG A 176 -18.59 -28.75 -20.31
CA ARG A 176 -19.33 -27.80 -21.13
C ARG A 176 -18.43 -26.80 -21.87
N VAL A 177 -17.19 -26.62 -21.44
CA VAL A 177 -16.29 -25.62 -22.03
C VAL A 177 -14.99 -26.27 -22.48
N LEU A 178 -14.25 -26.89 -21.55
CA LEU A 178 -12.90 -27.32 -21.88
C LEU A 178 -12.89 -28.45 -22.91
N GLN A 179 -13.72 -29.48 -22.69
CA GLN A 179 -13.76 -30.61 -23.62
C GLN A 179 -14.27 -30.21 -25.00
N PRO A 180 -15.39 -29.48 -25.14
CA PRO A 180 -15.81 -29.09 -26.50
C PRO A 180 -14.78 -28.26 -27.24
N LEU A 181 -14.03 -27.40 -26.53
CA LEU A 181 -13.02 -26.56 -27.17
C LEU A 181 -11.67 -27.25 -27.31
N LYS A 182 -11.56 -28.52 -26.88
CA LYS A 182 -10.33 -29.29 -27.03
C LYS A 182 -9.18 -28.63 -26.25
N LEU A 183 -9.51 -28.15 -25.05
CA LEU A 183 -8.52 -27.56 -24.14
C LEU A 183 -8.05 -28.65 -23.17
N ALA A 184 -7.11 -29.46 -23.63
CA ALA A 184 -6.67 -30.63 -22.89
C ALA A 184 -5.54 -30.32 -21.91
N HIS A 185 -5.04 -29.08 -21.92
CA HIS A 185 -3.96 -28.63 -21.05
C HIS A 185 -4.43 -27.44 -20.23
N THR A 186 -5.70 -27.47 -19.82
CA THR A 186 -6.29 -26.44 -18.98
C THR A 186 -6.94 -27.14 -17.80
N TRP A 187 -6.60 -26.71 -16.58
CA TRP A 187 -6.98 -27.45 -15.38
C TRP A 187 -7.36 -26.51 -14.24
N ILE A 188 -8.37 -26.92 -13.49
CA ILE A 188 -8.59 -26.34 -12.18
C ILE A 188 -7.68 -27.02 -11.16
N THR A 189 -7.61 -28.35 -11.18
N THR A 189 -7.61 -28.34 -11.21
CA THR A 189 -6.67 -29.08 -10.34
CA THR A 189 -6.70 -29.11 -10.38
C THR A 189 -5.76 -29.91 -11.23
C THR A 189 -5.76 -29.86 -11.32
N VAL A 190 -4.47 -29.58 -11.21
CA VAL A 190 -3.48 -30.24 -12.07
C VAL A 190 -3.27 -31.66 -11.60
N PRO A 191 -3.52 -32.65 -12.45
CA PRO A 191 -3.37 -34.05 -12.03
C PRO A 191 -1.89 -34.39 -11.81
N GLN A 192 -1.67 -35.50 -11.11
CA GLN A 192 -0.31 -35.88 -10.78
C GLN A 192 0.55 -36.09 -12.02
N ASN A 193 0.00 -36.71 -13.06
N ASN A 193 0.01 -36.71 -13.06
CA ASN A 193 0.77 -36.96 -14.27
CA ASN A 193 0.78 -36.97 -14.28
C ASN A 193 1.16 -35.68 -14.99
C ASN A 193 0.96 -35.74 -15.15
N GLU A 194 0.48 -34.58 -14.71
CA GLU A 194 0.76 -33.32 -15.38
C GLU A 194 1.58 -32.36 -14.53
N GLN A 195 1.90 -32.73 -13.28
CA GLN A 195 2.68 -31.84 -12.43
C GLN A 195 4.03 -31.52 -13.04
N LYS A 196 4.59 -32.44 -13.83
CA LYS A 196 5.89 -32.20 -14.47
C LYS A 196 5.88 -30.95 -15.34
N ASP A 197 4.70 -30.55 -15.84
CA ASP A 197 4.57 -29.38 -16.70
C ASP A 197 4.12 -28.14 -15.95
N TYR A 198 3.85 -28.24 -14.65
CA TYR A 198 3.30 -27.11 -13.89
C TYR A 198 4.47 -26.23 -13.44
N ALA A 199 4.60 -25.06 -14.05
CA ALA A 199 5.71 -24.16 -13.72
C ALA A 199 5.61 -23.75 -12.27
N TRP A 200 6.77 -23.47 -11.68
CA TRP A 200 6.79 -22.75 -10.41
C TRP A 200 6.66 -21.26 -10.68
N GLY A 201 5.90 -20.58 -9.81
CA GLY A 201 5.91 -19.15 -9.80
C GLY A 201 7.07 -18.65 -8.97
N TYR A 202 7.46 -17.40 -9.18
CA TYR A 202 8.58 -16.82 -8.43
C TYR A 202 8.15 -15.54 -7.77
N ARG A 203 8.31 -15.48 -6.45
N ARG A 203 8.25 -15.48 -6.45
CA ARG A 203 8.04 -14.28 -5.67
CA ARG A 203 8.00 -14.24 -5.72
C ARG A 203 9.25 -14.05 -4.79
C ARG A 203 9.13 -14.02 -4.72
N GLU A 204 9.82 -12.86 -4.88
N GLU A 204 9.80 -12.88 -4.85
CA GLU A 204 11.02 -12.50 -4.12
CA GLU A 204 10.99 -12.59 -4.04
C GLU A 204 12.11 -13.56 -4.25
C GLU A 204 12.06 -13.65 -4.22
N GLY A 205 12.23 -14.12 -5.46
CA GLY A 205 13.31 -15.05 -5.75
C GLY A 205 13.12 -16.44 -5.19
N LYS A 206 11.88 -16.82 -4.83
CA LYS A 206 11.59 -18.14 -4.29
C LYS A 206 10.46 -18.78 -5.08
N PRO A 207 10.51 -20.10 -5.28
CA PRO A 207 9.44 -20.78 -6.05
C PRO A 207 8.19 -20.97 -5.20
N VAL A 208 7.04 -20.65 -5.78
CA VAL A 208 5.76 -20.68 -5.09
C VAL A 208 4.65 -21.16 -6.01
N HIS A 209 3.68 -21.86 -5.43
CA HIS A 209 2.42 -22.18 -6.08
C HIS A 209 1.28 -21.58 -5.27
N SER A 210 0.18 -21.28 -5.95
CA SER A 210 -0.96 -20.69 -5.27
C SER A 210 -1.56 -21.67 -4.26
N SER A 211 -2.10 -21.13 -3.18
CA SER A 211 -2.77 -21.88 -2.13
C SER A 211 -4.27 -21.96 -2.39
N PRO A 212 -4.89 -23.06 -2.04
CA PRO A 212 -6.33 -23.19 -2.26
C PRO A 212 -7.10 -22.27 -1.34
N GLY A 213 -8.32 -21.97 -1.76
CA GLY A 213 -9.24 -21.18 -0.94
C GLY A 213 -10.65 -21.39 -1.43
N GLN A 214 -11.60 -20.92 -0.63
CA GLN A 214 -13.00 -21.03 -1.02
C GLN A 214 -13.27 -20.28 -2.33
N LEU A 215 -14.05 -20.92 -3.21
CA LEU A 215 -14.42 -20.32 -4.49
C LEU A 215 -13.20 -19.88 -5.30
N ASP A 216 -12.12 -20.68 -5.21
CA ASP A 216 -10.89 -20.37 -5.94
C ASP A 216 -11.03 -20.69 -7.42
N ALA A 217 -11.55 -21.88 -7.76
CA ALA A 217 -11.65 -22.28 -9.17
C ALA A 217 -12.46 -21.27 -9.95
N GLU A 218 -13.50 -20.73 -9.32
CA GLU A 218 -14.47 -19.85 -9.95
C GLU A 218 -13.89 -18.47 -10.25
N ALA A 219 -12.88 -18.03 -9.51
CA ALA A 219 -12.39 -16.67 -9.63
C ALA A 219 -10.94 -16.56 -10.05
N TYR A 220 -10.05 -17.45 -9.59
CA TYR A 220 -8.63 -17.24 -9.87
C TYR A 220 -7.80 -18.51 -10.01
N GLY A 221 -8.41 -19.70 -10.05
CA GLY A 221 -7.67 -20.94 -9.84
C GLY A 221 -7.38 -21.79 -11.06
N VAL A 222 -7.54 -21.29 -12.27
CA VAL A 222 -7.29 -22.09 -13.47
C VAL A 222 -5.80 -22.01 -13.84
N LYS A 223 -5.27 -23.13 -14.35
CA LYS A 223 -3.93 -23.24 -14.92
C LYS A 223 -4.05 -23.62 -16.39
N SER A 224 -3.19 -23.09 -17.25
CA SER A 224 -3.29 -23.43 -18.68
C SER A 224 -1.94 -23.21 -19.38
N SER A 225 -1.82 -23.80 -20.56
CA SER A 225 -0.65 -23.68 -21.43
C SER A 225 -0.84 -22.60 -22.48
N VAL A 226 0.24 -22.24 -23.17
CA VAL A 226 0.15 -21.21 -24.19
C VAL A 226 -0.68 -21.67 -25.38
N ILE A 227 -0.64 -22.97 -25.72
CA ILE A 227 -1.43 -23.47 -26.83
C ILE A 227 -2.91 -23.38 -26.49
N ASP A 228 -3.28 -23.83 -25.29
CA ASP A 228 -4.69 -23.77 -24.92
C ASP A 228 -5.15 -22.34 -24.81
N MET A 229 -4.31 -21.45 -24.27
CA MET A 229 -4.75 -20.06 -24.16
C MET A 229 -4.90 -19.38 -25.52
N ALA A 230 -4.05 -19.73 -26.49
CA ALA A 230 -4.25 -19.21 -27.84
C ALA A 230 -5.55 -19.74 -28.43
N ARG A 231 -5.84 -21.03 -28.21
CA ARG A 231 -7.09 -21.60 -28.70
C ARG A 231 -8.29 -20.95 -28.02
N TRP A 232 -8.16 -20.65 -26.73
CA TRP A 232 -9.20 -19.95 -25.99
C TRP A 232 -9.44 -18.56 -26.57
N VAL A 233 -8.36 -17.80 -26.79
CA VAL A 233 -8.52 -16.49 -27.43
C VAL A 233 -9.16 -16.63 -28.80
N GLN A 234 -8.72 -17.63 -29.59
N GLN A 234 -8.71 -17.60 -29.62
CA GLN A 234 -9.27 -17.84 -30.94
CA GLN A 234 -9.31 -17.78 -30.95
C GLN A 234 -10.77 -18.10 -30.90
C GLN A 234 -10.81 -18.01 -30.84
N ALA A 235 -11.21 -18.93 -29.94
CA ALA A 235 -12.64 -19.24 -29.83
C ALA A 235 -13.44 -18.04 -29.35
N ASN A 236 -12.90 -17.27 -28.40
CA ASN A 236 -13.61 -16.07 -27.94
C ASN A 236 -13.63 -14.98 -29.01
N MET A 237 -12.58 -14.87 -29.81
N MET A 237 -12.52 -14.84 -29.75
CA MET A 237 -12.57 -13.82 -30.82
CA MET A 237 -12.43 -13.91 -30.88
C MET A 237 -13.57 -14.12 -31.94
C MET A 237 -13.57 -14.15 -31.87
N ASP A 238 -13.66 -15.38 -32.35
CA ASP A 238 -14.59 -15.76 -33.41
C ASP A 238 -14.98 -17.22 -33.18
N ALA A 239 -16.21 -17.46 -32.76
CA ALA A 239 -16.65 -18.80 -32.41
C ALA A 239 -17.40 -19.49 -33.54
N SER A 240 -17.21 -19.06 -34.78
N SER A 240 -17.19 -19.06 -34.79
CA SER A 240 -17.93 -19.66 -35.90
CA SER A 240 -17.92 -19.65 -35.92
C SER A 240 -17.62 -21.15 -36.04
C SER A 240 -17.57 -21.12 -36.12
N HIS A 241 -16.41 -21.57 -35.63
CA HIS A 241 -16.03 -22.98 -35.75
C HIS A 241 -16.55 -23.84 -34.60
N VAL A 242 -17.25 -23.25 -33.62
CA VAL A 242 -17.72 -23.98 -32.44
C VAL A 242 -19.11 -24.56 -32.75
N GLN A 243 -19.19 -25.90 -32.82
CA GLN A 243 -20.42 -26.52 -33.30
C GLN A 243 -21.46 -26.70 -32.19
N GLU A 244 -21.07 -26.60 -30.92
CA GLU A 244 -22.00 -26.69 -29.80
C GLU A 244 -22.72 -25.35 -29.69
N LYS A 245 -24.02 -25.35 -29.99
N LYS A 245 -24.02 -25.34 -30.00
CA LYS A 245 -24.76 -24.10 -30.16
CA LYS A 245 -24.72 -24.07 -30.16
C LYS A 245 -24.78 -23.26 -28.89
C LYS A 245 -24.75 -23.25 -28.88
N THR A 246 -25.07 -23.86 -27.73
CA THR A 246 -25.15 -23.07 -26.51
C THR A 246 -23.78 -22.54 -26.11
N LEU A 247 -22.71 -23.25 -26.44
CA LEU A 247 -21.37 -22.75 -26.11
C LEU A 247 -21.01 -21.58 -27.03
N GLN A 248 -21.32 -21.69 -28.32
CA GLN A 248 -21.12 -20.58 -29.22
C GLN A 248 -21.89 -19.35 -28.75
N GLN A 249 -23.15 -19.54 -28.35
N GLN A 249 -23.16 -19.55 -28.36
CA GLN A 249 -23.93 -18.40 -27.87
CA GLN A 249 -23.99 -18.46 -27.85
C GLN A 249 -23.40 -17.89 -26.54
C GLN A 249 -23.40 -17.92 -26.55
N GLY A 250 -22.96 -18.81 -25.66
CA GLY A 250 -22.43 -18.37 -24.37
C GLY A 250 -21.15 -17.56 -24.51
N ILE A 251 -20.27 -17.95 -25.44
CA ILE A 251 -19.11 -17.13 -25.75
C ILE A 251 -19.55 -15.72 -26.17
N ALA A 252 -20.53 -15.64 -27.08
CA ALA A 252 -21.00 -14.31 -27.49
C ALA A 252 -21.54 -13.52 -26.30
N LEU A 253 -22.32 -14.17 -25.42
CA LEU A 253 -22.92 -13.45 -24.30
C LEU A 253 -21.88 -12.92 -23.31
N ALA A 254 -20.73 -13.58 -23.17
CA ALA A 254 -19.71 -13.07 -22.28
C ALA A 254 -19.07 -11.79 -22.81
N GLN A 255 -19.24 -11.48 -24.10
CA GLN A 255 -18.82 -10.24 -24.72
C GLN A 255 -19.96 -9.26 -24.95
N SER A 256 -21.16 -9.55 -24.44
CA SER A 256 -22.16 -8.49 -24.38
C SER A 256 -21.71 -7.44 -23.36
N ARG A 257 -22.19 -6.21 -23.54
CA ARG A 257 -21.90 -5.14 -22.58
C ARG A 257 -23.04 -5.06 -21.57
N TYR A 258 -22.70 -5.28 -20.28
CA TYR A 258 -23.68 -5.27 -19.20
C TYR A 258 -23.68 -3.97 -18.41
N TRP A 259 -22.54 -3.28 -18.36
CA TRP A 259 -22.40 -2.03 -17.61
C TRP A 259 -21.39 -1.17 -18.35
N ARG A 260 -21.59 0.14 -18.27
CA ARG A 260 -20.62 1.12 -18.72
C ARG A 260 -19.99 1.79 -17.51
N ILE A 261 -18.66 1.76 -17.47
CA ILE A 261 -17.88 2.38 -16.39
C ILE A 261 -16.87 3.29 -17.10
N GLY A 262 -17.30 4.51 -17.40
CA GLY A 262 -16.48 5.40 -18.20
C GLY A 262 -16.33 4.92 -19.62
N ASP A 263 -15.09 4.70 -20.07
N ASP A 263 -15.08 4.69 -20.05
CA ASP A 263 -14.91 4.14 -21.39
CA ASP A 263 -14.82 4.12 -21.36
C ASP A 263 -14.70 2.64 -21.39
C ASP A 263 -14.67 2.60 -21.37
N MET A 264 -14.92 1.98 -20.25
N MET A 264 -14.84 1.94 -20.22
CA MET A 264 -14.83 0.53 -20.19
CA MET A 264 -14.78 0.49 -20.18
C MET A 264 -16.24 -0.05 -20.07
C MET A 264 -16.18 -0.09 -20.01
N TYR A 265 -16.42 -1.23 -20.66
CA TYR A 265 -17.68 -1.96 -20.57
C TYR A 265 -17.44 -3.31 -19.96
N GLN A 266 -18.26 -3.69 -18.99
CA GLN A 266 -18.08 -4.96 -18.31
C GLN A 266 -18.85 -6.06 -19.05
N GLY A 267 -18.13 -7.12 -19.48
CA GLY A 267 -18.74 -8.35 -19.97
C GLY A 267 -18.91 -9.33 -18.83
N LEU A 268 -18.98 -10.62 -19.18
CA LEU A 268 -18.92 -11.68 -18.17
C LEU A 268 -17.46 -12.13 -18.14
N GLY A 269 -16.72 -11.68 -17.12
CA GLY A 269 -15.29 -11.90 -17.02
C GLY A 269 -14.49 -10.97 -17.92
N TRP A 270 -14.72 -11.03 -19.22
CA TRP A 270 -14.05 -10.11 -20.14
C TRP A 270 -14.44 -8.67 -19.85
N GLU A 271 -13.47 -7.77 -20.05
CA GLU A 271 -13.68 -6.32 -20.05
C GLU A 271 -13.39 -5.79 -21.45
N MET A 272 -14.09 -4.72 -21.84
N MET A 272 -14.12 -4.75 -21.85
CA MET A 272 -14.01 -4.28 -23.22
CA MET A 272 -14.07 -4.27 -23.22
C MET A 272 -13.99 -2.76 -23.30
C MET A 272 -13.96 -2.75 -23.27
N LEU A 273 -13.30 -2.26 -24.32
CA LEU A 273 -13.35 -0.84 -24.67
C LEU A 273 -13.64 -0.76 -26.17
N ASN A 274 -14.23 0.36 -26.60
CA ASN A 274 -14.38 0.58 -28.04
C ASN A 274 -13.02 0.63 -28.72
N TRP A 275 -12.97 0.11 -29.96
CA TRP A 275 -11.82 0.23 -30.85
C TRP A 275 -12.19 1.10 -32.04
N PRO A 276 -11.30 1.99 -32.53
CA PRO A 276 -9.92 2.20 -32.06
C PRO A 276 -9.88 2.95 -30.73
N LEU A 277 -8.71 2.98 -30.11
CA LEU A 277 -8.59 3.62 -28.81
C LEU A 277 -7.17 4.10 -28.62
N LYS A 278 -6.98 4.90 -27.57
CA LYS A 278 -5.66 5.38 -27.20
C LYS A 278 -5.03 4.44 -26.18
N ALA A 279 -3.75 4.13 -26.40
CA ALA A 279 -3.04 3.18 -25.54
C ALA A 279 -3.13 3.57 -24.06
N ASP A 280 -3.02 4.87 -23.76
CA ASP A 280 -3.00 5.28 -22.37
C ASP A 280 -4.28 4.89 -21.63
N SER A 281 -5.40 4.76 -22.35
N SER A 281 -5.40 4.76 -22.35
CA SER A 281 -6.65 4.38 -21.69
CA SER A 281 -6.65 4.38 -21.69
C SER A 281 -6.56 2.99 -21.07
C SER A 281 -6.54 3.00 -21.05
N ILE A 282 -6.00 2.02 -21.79
CA ILE A 282 -5.88 0.67 -21.23
C ILE A 282 -4.67 0.54 -20.30
N ILE A 283 -3.54 1.18 -20.64
CA ILE A 283 -2.37 1.12 -19.78
C ILE A 283 -2.68 1.71 -18.42
N ASN A 284 -3.20 2.95 -18.41
CA ASN A 284 -3.53 3.59 -17.13
C ASN A 284 -4.71 2.91 -16.46
N GLY A 285 -5.68 2.43 -17.24
CA GLY A 285 -6.82 1.73 -16.65
C GLY A 285 -6.44 0.47 -15.93
N SER A 286 -5.29 -0.12 -16.26
CA SER A 286 -4.88 -1.38 -15.66
C SER A 286 -4.18 -1.19 -14.33
N ASP A 287 -3.78 0.03 -14.02
CA ASP A 287 -3.13 0.29 -12.75
C ASP A 287 -4.13 0.03 -11.63
N SER A 288 -3.66 -0.63 -10.57
CA SER A 288 -4.55 -1.00 -9.47
C SER A 288 -5.31 0.19 -8.91
N LYS A 289 -4.73 1.39 -9.00
CA LYS A 289 -5.40 2.59 -8.49
C LYS A 289 -6.71 2.89 -9.23
N VAL A 290 -6.83 2.45 -10.48
CA VAL A 290 -8.08 2.54 -11.23
C VAL A 290 -8.85 1.23 -11.21
N ALA A 291 -8.16 0.13 -11.54
CA ALA A 291 -8.82 -1.15 -11.72
C ALA A 291 -9.48 -1.65 -10.44
N LEU A 292 -8.95 -1.29 -9.27
CA LEU A 292 -9.51 -1.74 -8.00
C LEU A 292 -10.41 -0.69 -7.34
N ALA A 293 -10.66 0.46 -7.99
CA ALA A 293 -11.47 1.51 -7.39
C ALA A 293 -12.95 1.20 -7.53
N ALA A 294 -13.75 1.70 -6.58
CA ALA A 294 -15.21 1.65 -6.69
C ALA A 294 -15.66 2.81 -7.55
N LEU A 295 -16.28 2.52 -8.69
CA LEU A 295 -16.64 3.56 -9.65
C LEU A 295 -18.13 3.46 -9.95
N PRO A 296 -18.81 4.59 -10.19
CA PRO A 296 -20.24 4.51 -10.54
C PRO A 296 -20.46 3.66 -11.79
N ALA A 297 -21.54 2.90 -11.80
CA ALA A 297 -21.84 2.00 -12.90
C ALA A 297 -23.15 2.40 -13.57
N VAL A 298 -23.18 2.30 -14.89
CA VAL A 298 -24.37 2.58 -15.70
C VAL A 298 -24.81 1.28 -16.34
N GLU A 299 -26.03 0.83 -16.04
CA GLU A 299 -26.47 -0.46 -16.55
C GLU A 299 -26.79 -0.39 -18.03
N VAL A 300 -26.44 -1.45 -18.75
CA VAL A 300 -26.81 -1.64 -20.14
C VAL A 300 -27.83 -2.77 -20.12
N ASN A 301 -29.11 -2.43 -20.21
N ASN A 301 -29.10 -2.42 -20.20
CA ASN A 301 -30.20 -3.40 -20.04
CA ASN A 301 -30.14 -3.43 -20.07
C ASN A 301 -31.20 -3.15 -21.16
C ASN A 301 -31.23 -3.19 -21.11
N PRO A 302 -31.43 -4.11 -22.05
CA PRO A 302 -30.75 -5.40 -22.14
C PRO A 302 -29.28 -5.24 -22.53
N PRO A 303 -28.48 -6.26 -22.26
CA PRO A 303 -27.05 -6.16 -22.57
C PRO A 303 -26.83 -5.97 -24.05
N ALA A 304 -25.91 -5.08 -24.41
CA ALA A 304 -25.66 -4.80 -25.82
C ALA A 304 -24.89 -5.97 -26.44
N PRO A 305 -25.34 -6.52 -27.57
CA PRO A 305 -24.65 -7.66 -28.17
C PRO A 305 -23.26 -7.26 -28.63
N ALA A 306 -22.40 -8.29 -28.70
CA ALA A 306 -21.00 -8.06 -29.01
C ALA A 306 -20.81 -7.30 -30.33
N VAL A 307 -19.84 -6.39 -30.34
CA VAL A 307 -19.47 -5.64 -31.53
C VAL A 307 -18.02 -5.95 -31.87
N LYS A 308 -17.72 -6.00 -33.17
N LYS A 308 -17.72 -6.00 -33.17
CA LYS A 308 -16.38 -6.36 -33.61
CA LYS A 308 -16.37 -6.36 -33.62
C LYS A 308 -15.34 -5.29 -33.27
C LYS A 308 -15.36 -5.30 -33.21
N ALA A 309 -15.75 -4.02 -33.25
CA ALA A 309 -14.83 -2.92 -32.98
C ALA A 309 -14.65 -2.76 -31.47
N SER A 310 -13.95 -3.73 -30.89
N SER A 310 -13.98 -3.75 -30.88
CA SER A 310 -13.74 -3.76 -29.45
CA SER A 310 -13.73 -3.78 -29.45
C SER A 310 -12.34 -4.29 -29.16
C SER A 310 -12.31 -4.25 -29.19
N TRP A 311 -11.76 -3.77 -28.08
CA TRP A 311 -10.55 -4.32 -27.46
C TRP A 311 -11.06 -5.11 -26.27
N VAL A 312 -10.88 -6.42 -26.30
CA VAL A 312 -11.43 -7.33 -25.29
C VAL A 312 -10.26 -7.91 -24.51
N HIS A 313 -10.29 -7.81 -23.18
CA HIS A 313 -9.07 -8.19 -22.46
C HIS A 313 -9.34 -8.57 -21.01
N LYS A 314 -8.31 -9.15 -20.37
CA LYS A 314 -8.35 -9.45 -18.96
C LYS A 314 -6.92 -9.63 -18.44
N THR A 315 -6.63 -9.01 -17.30
CA THR A 315 -5.39 -9.26 -16.56
C THR A 315 -5.63 -10.30 -15.49
N GLY A 316 -4.55 -10.93 -15.03
CA GLY A 316 -4.67 -11.80 -13.87
C GLY A 316 -3.32 -12.11 -13.27
N SER A 317 -3.32 -12.37 -11.96
CA SER A 317 -2.07 -12.62 -11.25
C SER A 317 -2.33 -13.60 -10.12
N THR A 318 -1.26 -14.27 -9.72
CA THR A 318 -1.24 -14.93 -8.41
C THR A 318 0.06 -14.49 -7.73
N GLY A 319 0.38 -15.07 -6.56
CA GLY A 319 1.57 -14.64 -5.88
C GLY A 319 2.81 -14.76 -6.75
N GLY A 320 2.86 -15.78 -7.60
CA GLY A 320 4.04 -16.07 -8.40
C GLY A 320 3.90 -15.93 -9.90
N PHE A 321 2.74 -15.49 -10.41
CA PHE A 321 2.47 -15.48 -11.85
C PHE A 321 1.79 -14.17 -12.27
N GLY A 322 2.03 -13.78 -13.52
CA GLY A 322 1.29 -12.69 -14.12
C GLY A 322 0.92 -12.99 -15.54
N SER A 323 -0.36 -12.79 -15.89
N SER A 323 -0.35 -12.79 -15.89
CA SER A 323 -0.90 -13.13 -17.20
CA SER A 323 -0.88 -13.12 -17.21
C SER A 323 -1.65 -11.94 -17.78
C SER A 323 -1.64 -11.94 -17.77
N TYR A 324 -1.78 -11.94 -19.10
CA TYR A 324 -2.60 -10.94 -19.78
C TYR A 324 -3.07 -11.54 -21.09
N VAL A 325 -4.36 -11.38 -21.41
N VAL A 325 -4.33 -11.29 -21.44
CA VAL A 325 -4.90 -11.79 -22.71
CA VAL A 325 -4.94 -11.76 -22.67
C VAL A 325 -5.71 -10.63 -23.30
C VAL A 325 -5.71 -10.60 -23.29
N ALA A 326 -5.59 -10.43 -24.61
CA ALA A 326 -6.32 -9.36 -25.29
C ALA A 326 -6.56 -9.70 -26.76
N PHE A 327 -7.69 -9.24 -27.30
CA PHE A 327 -7.94 -9.44 -28.72
C PHE A 327 -8.86 -8.36 -29.26
N VAL A 328 -8.81 -8.17 -30.57
CA VAL A 328 -9.62 -7.20 -31.31
C VAL A 328 -10.31 -7.95 -32.45
N PRO A 329 -11.59 -8.30 -32.29
CA PRO A 329 -12.27 -9.11 -33.32
C PRO A 329 -12.25 -8.48 -34.70
N GLU A 330 -12.42 -7.15 -34.78
CA GLU A 330 -12.41 -6.45 -36.06
C GLU A 330 -11.14 -6.71 -36.85
N LYS A 331 -10.00 -6.83 -36.16
CA LYS A 331 -8.68 -7.00 -36.78
C LYS A 331 -8.22 -8.45 -36.83
N ASN A 332 -8.96 -9.38 -36.25
CA ASN A 332 -8.54 -10.78 -36.14
C ASN A 332 -7.15 -10.90 -35.52
N LEU A 333 -6.94 -10.16 -34.44
CA LEU A 333 -5.63 -9.97 -33.84
C LEU A 333 -5.78 -10.21 -32.36
N GLY A 334 -4.85 -10.96 -31.76
CA GLY A 334 -4.91 -11.20 -30.33
C GLY A 334 -3.54 -11.55 -29.78
N ILE A 335 -3.47 -11.56 -28.45
CA ILE A 335 -2.22 -11.92 -27.78
C ILE A 335 -2.51 -12.61 -26.46
N VAL A 336 -1.61 -13.53 -26.11
CA VAL A 336 -1.57 -14.19 -24.81
C VAL A 336 -0.17 -13.98 -24.26
N MET A 337 -0.06 -13.49 -23.02
CA MET A 337 1.24 -13.35 -22.35
C MET A 337 1.16 -14.06 -21.00
N LEU A 338 1.91 -15.16 -20.84
CA LEU A 338 1.96 -15.90 -19.58
C LEU A 338 3.36 -15.80 -18.99
N ALA A 339 3.46 -15.53 -17.69
CA ALA A 339 4.76 -15.38 -17.06
C ALA A 339 4.72 -15.99 -15.67
N ASN A 340 5.84 -16.59 -15.24
CA ASN A 340 5.93 -17.14 -13.88
C ASN A 340 6.63 -16.19 -12.91
N LYS A 341 6.32 -14.90 -13.06
CA LYS A 341 6.52 -13.90 -12.02
C LYS A 341 5.43 -12.85 -12.22
N SER A 342 4.87 -12.34 -11.12
CA SER A 342 3.94 -11.21 -11.22
C SER A 342 4.73 -9.93 -11.44
N TYR A 343 4.30 -9.08 -12.37
CA TYR A 343 4.98 -7.83 -12.69
C TYR A 343 3.89 -6.80 -12.98
N PRO A 344 4.21 -5.50 -12.96
CA PRO A 344 3.13 -4.49 -12.90
C PRO A 344 2.17 -4.54 -14.08
N TYR A 345 0.87 -4.37 -13.78
CA TYR A 345 -0.14 -4.44 -14.85
C TYR A 345 0.13 -3.48 -15.98
N PRO A 346 0.47 -2.20 -15.75
CA PRO A 346 0.67 -1.31 -16.89
C PRO A 346 1.83 -1.75 -17.77
N VAL A 347 2.84 -2.42 -17.19
CA VAL A 347 3.94 -2.95 -17.99
C VAL A 347 3.44 -4.06 -18.92
N ARG A 348 2.57 -4.96 -18.41
CA ARG A 348 2.00 -6.00 -19.27
C ARG A 348 1.25 -5.38 -20.43
N VAL A 349 0.36 -4.43 -20.13
CA VAL A 349 -0.53 -3.89 -21.15
C VAL A 349 0.28 -3.13 -22.18
N GLU A 350 1.28 -2.35 -21.72
N GLU A 350 1.29 -2.37 -21.72
CA GLU A 350 2.09 -1.59 -22.67
CA GLU A 350 2.10 -1.59 -22.65
C GLU A 350 2.84 -2.52 -23.62
C GLU A 350 2.88 -2.49 -23.60
N ALA A 351 3.39 -3.62 -23.09
CA ALA A 351 4.12 -4.55 -23.94
C ALA A 351 3.18 -5.19 -24.96
N ALA A 352 1.99 -5.62 -24.52
CA ALA A 352 1.03 -6.17 -25.47
C ALA A 352 0.67 -5.17 -26.55
N TRP A 353 0.43 -3.91 -26.15
CA TRP A 353 0.05 -2.88 -27.11
C TRP A 353 1.16 -2.64 -28.11
N ARG A 354 2.40 -2.59 -27.64
CA ARG A 354 3.54 -2.33 -28.52
C ARG A 354 3.64 -3.41 -29.59
N ILE A 355 3.44 -4.67 -29.21
CA ILE A 355 3.49 -5.77 -30.17
C ILE A 355 2.35 -5.65 -31.16
N LEU A 356 1.10 -5.56 -30.66
CA LEU A 356 -0.05 -5.55 -31.56
C LEU A 356 -0.09 -4.32 -32.44
N GLU A 357 0.40 -3.17 -31.96
CA GLU A 357 0.40 -1.96 -32.78
C GLU A 357 1.27 -2.13 -34.02
N LYS A 358 2.33 -2.92 -33.94
CA LYS A 358 3.19 -3.17 -35.09
C LYS A 358 2.60 -4.20 -36.05
N LEU A 359 1.50 -4.86 -35.69
CA LEU A 359 0.88 -5.88 -36.51
C LEU A 359 -0.45 -5.44 -37.12
N GLN A 360 -0.70 -4.13 -37.18
CA GLN A 360 -1.93 -3.60 -37.74
C GLN A 360 -2.05 -3.86 -39.23
N MET B 1 22.30 39.85 6.39
CA MET B 1 21.56 40.41 7.51
C MET B 1 20.14 40.75 7.10
N LYS B 2 19.23 39.81 7.30
CA LYS B 2 17.84 39.95 6.88
C LYS B 2 17.01 40.58 7.99
N THR B 3 16.15 41.52 7.61
CA THR B 3 15.16 42.10 8.50
C THR B 3 13.96 41.15 8.63
N GLU B 4 13.12 41.41 9.64
CA GLU B 4 11.88 40.63 9.78
C GLU B 4 11.05 40.67 8.50
N GLN B 5 10.98 41.83 7.84
CA GLN B 5 10.20 41.92 6.61
C GLN B 5 10.80 41.05 5.51
N GLN B 6 12.13 41.02 5.42
CA GLN B 6 12.78 40.18 4.41
C GLN B 6 12.55 38.71 4.70
N ILE B 7 12.61 38.32 5.99
CA ILE B 7 12.30 36.95 6.35
C ILE B 7 10.84 36.62 6.01
N ALA B 8 9.93 37.55 6.33
CA ALA B 8 8.51 37.33 6.00
C ALA B 8 8.31 37.12 4.51
N ASP B 9 8.98 37.93 3.68
CA ASP B 9 8.85 37.78 2.23
C ASP B 9 9.32 36.40 1.78
N ILE B 10 10.46 35.94 2.30
CA ILE B 10 10.96 34.62 1.97
C ILE B 10 9.98 33.53 2.40
N VAL B 11 9.49 33.62 3.63
CA VAL B 11 8.58 32.59 4.15
C VAL B 11 7.27 32.58 3.37
N ASN B 12 6.67 33.76 3.16
CA ASN B 12 5.38 33.82 2.47
C ASN B 12 5.50 33.32 1.03
N ARG B 13 6.63 33.60 0.37
CA ARG B 13 6.81 33.16 -1.02
C ARG B 13 6.77 31.64 -1.14
N THR B 14 7.20 30.92 -0.12
CA THR B 14 7.14 29.46 -0.11
C THR B 14 5.81 28.94 0.43
N ILE B 15 5.31 29.53 1.51
CA ILE B 15 4.14 28.96 2.20
C ILE B 15 2.84 29.22 1.44
N THR B 16 2.68 30.40 0.83
CA THR B 16 1.42 30.70 0.14
C THR B 16 1.11 29.68 -0.95
N PRO B 17 1.99 29.39 -1.89
CA PRO B 17 1.65 28.35 -2.87
C PRO B 17 1.54 26.98 -2.27
N LEU B 18 2.35 26.67 -1.24
CA LEU B 18 2.26 25.36 -0.58
C LEU B 18 0.85 25.10 -0.05
N MET B 19 0.30 26.08 0.67
CA MET B 19 -1.01 25.87 1.28
C MET B 19 -2.09 25.70 0.22
N GLN B 20 -2.03 26.50 -0.84
CA GLN B 20 -3.04 26.38 -1.89
C GLN B 20 -2.94 25.03 -2.60
N GLU B 21 -1.71 24.64 -2.97
CA GLU B 21 -1.51 23.43 -3.74
C GLU B 21 -1.82 22.17 -2.94
N GLN B 22 -1.50 22.17 -1.65
CA GLN B 22 -1.71 21.00 -0.81
C GLN B 22 -3.02 21.05 -0.05
N ALA B 23 -3.85 22.09 -0.23
CA ALA B 23 -5.13 22.20 0.47
C ALA B 23 -4.96 22.15 1.98
N ILE B 24 -3.90 22.79 2.47
CA ILE B 24 -3.67 22.86 3.91
C ILE B 24 -4.51 23.98 4.51
N PRO B 25 -5.38 23.69 5.49
CA PRO B 25 -6.24 24.76 6.02
C PRO B 25 -5.49 25.81 6.81
N GLY B 26 -4.50 25.39 7.59
CA GLY B 26 -3.82 26.28 8.52
C GLY B 26 -2.38 25.87 8.74
N MET B 27 -1.50 26.84 8.89
CA MET B 27 -0.11 26.55 9.18
C MET B 27 0.43 27.56 10.16
N ALA B 28 1.40 27.13 10.96
CA ALA B 28 2.19 28.04 11.79
C ALA B 28 3.65 27.70 11.55
N VAL B 29 4.47 28.74 11.29
CA VAL B 29 5.88 28.55 11.02
C VAL B 29 6.68 29.44 11.96
N ALA B 30 7.76 28.92 12.50
CA ALA B 30 8.76 29.76 13.14
C ALA B 30 10.07 29.56 12.41
N VAL B 31 10.74 30.67 12.08
CA VAL B 31 12.11 30.64 11.60
C VAL B 31 12.98 31.09 12.76
N ILE B 32 14.03 30.31 13.08
CA ILE B 32 15.04 30.75 14.04
C ILE B 32 16.19 31.29 13.20
N TYR B 33 16.45 32.58 13.31
CA TYR B 33 17.47 33.22 12.50
C TYR B 33 18.40 33.96 13.44
N GLN B 34 19.69 33.68 13.38
CA GLN B 34 20.64 34.24 14.34
C GLN B 34 20.19 33.97 15.78
N GLY B 35 19.61 32.78 16.00
CA GLY B 35 19.18 32.36 17.31
C GLY B 35 17.85 32.92 17.79
N LYS B 36 17.18 33.76 17.00
CA LYS B 36 15.96 34.45 17.41
C LYS B 36 14.75 33.90 16.66
N PRO B 37 13.63 33.59 17.32
CA PRO B 37 12.43 33.17 16.59
C PRO B 37 11.69 34.32 15.92
N TYR B 38 11.23 34.05 14.70
CA TYR B 38 10.30 34.90 13.95
C TYR B 38 9.10 34.04 13.58
N TYR B 39 7.90 34.51 13.92
CA TYR B 39 6.69 33.72 13.87
C TYR B 39 5.77 34.16 12.74
N PHE B 40 5.09 33.18 12.15
CA PHE B 40 4.15 33.40 11.05
C PHE B 40 2.98 32.42 11.20
N THR B 41 1.78 32.91 10.91
CA THR B 41 0.58 32.08 10.96
C THR B 41 -0.31 32.40 9.77
N TRP B 42 -1.01 31.38 9.30
CA TRP B 42 -1.97 31.54 8.20
C TRP B 42 -3.14 30.58 8.35
N GLY B 43 -4.32 31.03 7.90
CA GLY B 43 -5.40 30.08 7.70
C GLY B 43 -6.22 29.75 8.92
N LYS B 44 -6.88 28.58 8.86
CA LYS B 44 -7.89 28.20 9.83
C LYS B 44 -7.47 26.98 10.63
N ALA B 45 -7.64 27.07 11.95
CA ALA B 45 -7.56 25.92 12.85
C ALA B 45 -8.82 25.08 12.80
N ASP B 46 -9.95 25.70 12.50
CA ASP B 46 -11.25 25.02 12.42
C ASP B 46 -12.00 25.72 11.29
N ILE B 47 -12.20 25.03 10.17
CA ILE B 47 -12.83 25.64 9.00
C ILE B 47 -14.30 25.94 9.27
N ALA B 48 -15.06 24.93 9.70
CA ALA B 48 -16.52 25.11 9.83
C ALA B 48 -16.84 26.23 10.80
N ASN B 49 -16.06 26.37 11.87
CA ASN B 49 -16.31 27.41 12.84
C ASN B 49 -15.46 28.67 12.61
N ASN B 50 -14.68 28.69 11.53
CA ASN B 50 -13.99 29.91 11.05
C ASN B 50 -12.95 30.42 12.05
N HIS B 51 -12.32 29.50 12.83
CA HIS B 51 -11.37 29.94 13.83
C HIS B 51 -9.98 29.99 13.23
N PRO B 52 -9.25 31.10 13.41
CA PRO B 52 -7.93 31.23 12.77
C PRO B 52 -6.84 30.49 13.53
N VAL B 53 -5.78 30.16 12.79
CA VAL B 53 -4.53 29.77 13.43
C VAL B 53 -3.93 30.99 14.14
N THR B 54 -3.50 30.81 15.38
CA THR B 54 -2.78 31.84 16.10
C THR B 54 -1.48 31.25 16.62
N GLN B 55 -0.66 32.10 17.27
CA GLN B 55 0.57 31.63 17.88
C GLN B 55 0.33 30.67 19.05
N GLN B 56 -0.89 30.58 19.55
CA GLN B 56 -1.26 29.64 20.60
C GLN B 56 -1.95 28.38 20.08
N THR B 57 -2.26 28.28 18.79
CA THR B 57 -2.92 27.09 18.27
C THR B 57 -2.05 25.86 18.53
N LEU B 58 -2.69 24.80 19.02
CA LEU B 58 -2.01 23.53 19.27
C LEU B 58 -2.18 22.60 18.07
N PHE B 59 -1.07 22.01 17.63
CA PHE B 59 -1.04 21.05 16.54
C PHE B 59 -0.57 19.71 17.07
N GLU B 60 -1.10 18.61 16.51
CA GLU B 60 -0.55 17.28 16.81
C GLU B 60 0.81 17.13 16.13
N LEU B 61 1.84 16.84 16.92
CA LEU B 61 3.20 16.72 16.40
C LEU B 61 3.48 15.36 15.74
N GLY B 62 2.64 14.36 15.97
CA GLY B 62 3.02 13.04 15.49
C GLY B 62 4.41 12.66 15.98
N SER B 63 5.20 12.04 15.10
N SER B 63 5.20 12.07 15.07
CA SER B 63 6.47 11.51 15.56
CA SER B 63 6.52 11.52 15.40
C SER B 63 7.54 12.56 15.89
C SER B 63 7.51 12.56 15.94
N VAL B 64 7.27 13.86 15.72
CA VAL B 64 8.16 14.85 16.33
C VAL B 64 8.16 14.70 17.86
N SER B 65 7.10 14.07 18.40
CA SER B 65 7.06 13.68 19.81
C SER B 65 8.30 12.88 20.25
N LYS B 66 8.95 12.16 19.32
CA LYS B 66 10.11 11.35 19.67
C LYS B 66 11.28 12.21 20.09
N THR B 67 11.34 13.48 19.67
CA THR B 67 12.44 14.33 20.12
C THR B 67 12.32 14.63 21.61
N PHE B 68 11.09 14.79 22.10
CA PHE B 68 10.88 14.97 23.54
C PHE B 68 11.26 13.72 24.29
N ASN B 69 10.89 12.54 23.76
CA ASN B 69 11.30 11.28 24.32
C ASN B 69 12.82 11.21 24.43
N GLY B 70 13.52 11.53 23.35
CA GLY B 70 14.97 11.41 23.36
C GLY B 70 15.64 12.30 24.37
N VAL B 71 15.16 13.55 24.51
CA VAL B 71 15.75 14.46 25.48
C VAL B 71 15.46 14.01 26.90
N LEU B 72 14.25 13.52 27.16
CA LEU B 72 13.94 13.00 28.49
C LEU B 72 14.82 11.79 28.80
N GLY B 73 15.05 10.93 27.80
CA GLY B 73 15.96 9.80 28.00
C GLY B 73 17.39 10.25 28.22
N GLY B 74 17.85 11.25 27.46
CA GLY B 74 19.16 11.81 27.69
C GLY B 74 19.31 12.38 29.08
N ASP B 75 18.28 13.06 29.57
CA ASP B 75 18.30 13.59 30.93
C ASP B 75 18.41 12.46 31.97
N ALA B 76 17.71 11.32 31.73
CA ALA B 76 17.82 10.18 32.63
C ALA B 76 19.22 9.57 32.61
N ILE B 77 19.86 9.54 31.43
CA ILE B 77 21.24 9.07 31.33
C ILE B 77 22.15 9.99 32.14
N ALA B 78 21.97 11.30 31.97
CA ALA B 78 22.80 12.29 32.65
C ALA B 78 22.60 12.24 34.15
N ARG B 79 21.40 11.90 34.61
CA ARG B 79 21.15 11.72 36.03
C ARG B 79 21.75 10.43 36.57
N GLY B 80 22.25 9.53 35.73
CA GLY B 80 22.70 8.23 36.19
C GLY B 80 21.61 7.23 36.48
N GLU B 81 20.38 7.48 36.03
CA GLU B 81 19.28 6.58 36.34
C GLU B 81 19.25 5.36 35.43
N ILE B 82 19.68 5.53 34.19
CA ILE B 82 19.70 4.46 33.21
C ILE B 82 21.02 4.55 32.46
N LYS B 83 21.41 3.44 31.85
CA LYS B 83 22.44 3.41 30.82
C LYS B 83 21.84 2.76 29.60
N LEU B 84 22.21 3.25 28.41
CA LEU B 84 21.68 2.62 27.20
C LEU B 84 22.19 1.18 27.04
N SER B 85 23.31 0.85 27.70
CA SER B 85 23.81 -0.52 27.66
C SER B 85 22.99 -1.47 28.54
N ASP B 86 22.07 -0.96 29.36
CA ASP B 86 21.27 -1.82 30.23
C ASP B 86 20.37 -2.74 29.41
N PRO B 87 20.21 -4.00 29.83
CA PRO B 87 19.20 -4.86 29.19
C PRO B 87 17.80 -4.30 29.40
N VAL B 88 16.96 -4.46 28.38
CA VAL B 88 15.54 -4.12 28.53
C VAL B 88 14.96 -4.78 29.77
N THR B 89 15.32 -6.04 30.01
CA THR B 89 14.74 -6.79 31.13
C THR B 89 15.12 -6.23 32.50
N LYS B 90 16.12 -5.36 32.61
CA LYS B 90 16.36 -4.70 33.88
C LYS B 90 15.18 -3.85 34.31
N TYR B 91 14.44 -3.29 33.35
CA TYR B 91 13.32 -2.40 33.62
C TYR B 91 11.98 -3.06 33.41
N TRP B 92 11.94 -4.24 32.80
CA TRP B 92 10.69 -4.98 32.61
C TRP B 92 11.02 -6.45 32.79
N PRO B 93 11.13 -6.91 34.04
CA PRO B 93 11.52 -8.31 34.29
C PRO B 93 10.55 -9.34 33.73
N GLU B 94 9.28 -8.99 33.52
CA GLU B 94 8.30 -9.94 33.02
C GLU B 94 8.54 -10.33 31.56
N LEU B 95 9.39 -9.58 30.85
CA LEU B 95 9.76 -9.92 29.47
C LEU B 95 10.83 -11.02 29.51
N THR B 96 10.39 -12.23 29.79
CA THR B 96 11.31 -13.33 29.98
C THR B 96 11.66 -14.05 28.69
N GLY B 97 11.07 -13.67 27.57
CA GLY B 97 11.32 -14.38 26.33
C GLY B 97 12.80 -14.35 25.97
N LYS B 98 13.30 -15.48 25.48
CA LYS B 98 14.71 -15.58 25.14
C LYS B 98 15.13 -14.57 24.07
N GLN B 99 14.19 -14.13 23.21
CA GLN B 99 14.55 -13.20 22.15
C GLN B 99 14.95 -11.82 22.70
N TRP B 100 14.61 -11.54 23.95
CA TRP B 100 14.96 -10.26 24.55
C TRP B 100 16.34 -10.24 25.19
N GLN B 101 16.96 -11.41 25.37
N GLN B 101 17.00 -11.40 25.30
CA GLN B 101 18.35 -11.45 25.82
CA GLN B 101 18.24 -11.50 26.06
C GLN B 101 19.25 -10.87 24.74
C GLN B 101 19.28 -10.47 25.62
N GLY B 102 20.03 -9.85 25.09
N GLY B 102 19.49 -10.31 24.32
CA GLY B 102 20.82 -9.11 24.14
CA GLY B 102 20.52 -9.42 23.83
C GLY B 102 20.19 -7.81 23.69
C GLY B 102 20.05 -8.05 23.37
N ILE B 103 18.88 -7.64 23.85
CA ILE B 103 18.27 -6.35 23.49
C ILE B 103 18.46 -5.38 24.65
N ARG B 104 19.04 -4.22 24.35
CA ARG B 104 19.34 -3.20 25.34
C ARG B 104 18.48 -1.97 25.11
N LEU B 105 18.46 -1.08 26.12
CA LEU B 105 17.73 0.18 25.94
C LEU B 105 18.20 0.94 24.69
N LEU B 106 19.52 0.91 24.42
CA LEU B 106 20.07 1.48 23.21
C LEU B 106 19.24 1.11 21.98
N HIS B 107 18.91 -0.19 21.85
CA HIS B 107 18.26 -0.68 20.64
C HIS B 107 16.84 -0.14 20.52
N LEU B 108 16.10 -0.14 21.63
CA LEU B 108 14.75 0.38 21.57
C LEU B 108 14.75 1.87 21.26
N ALA B 109 15.73 2.60 21.81
CA ALA B 109 15.79 4.05 21.63
C ALA B 109 16.09 4.44 20.19
N THR B 110 16.71 3.53 19.40
CA THR B 110 17.26 3.87 18.09
C THR B 110 16.75 2.95 16.98
N TYR B 111 15.66 2.20 17.22
CA TYR B 111 15.01 1.37 16.21
C TYR B 111 15.88 0.22 15.70
N THR B 112 16.81 -0.27 16.52
CA THR B 112 17.78 -1.28 16.08
C THR B 112 17.58 -2.62 16.78
N GLU B 113 16.43 -2.83 17.42
CA GLU B 113 16.21 -4.02 18.24
C GLU B 113 15.96 -5.29 17.44
N GLY B 114 15.67 -5.21 16.14
CA GLY B 114 15.48 -6.41 15.38
C GLY B 114 14.19 -6.49 14.58
N GLY B 115 13.36 -5.46 14.66
CA GLY B 115 12.20 -5.35 13.78
C GLY B 115 10.83 -5.37 14.44
N LEU B 116 10.64 -4.58 15.49
CA LEU B 116 9.31 -4.35 16.05
C LEU B 116 8.43 -3.64 15.01
N PRO B 117 7.11 -3.79 15.10
CA PRO B 117 6.21 -3.27 14.07
C PRO B 117 6.00 -1.76 14.20
N LEU B 118 5.48 -1.18 13.12
CA LEU B 118 5.37 0.28 13.07
C LEU B 118 4.54 0.82 14.22
N LYS B 119 3.42 0.15 14.51
CA LYS B 119 2.61 0.48 15.66
C LYS B 119 2.26 -0.79 16.42
N ILE B 120 2.08 -0.64 17.72
CA ILE B 120 1.49 -1.71 18.52
C ILE B 120 0.12 -2.06 17.95
N PRO B 121 -0.25 -3.34 17.83
CA PRO B 121 -1.55 -3.70 17.23
C PRO B 121 -2.73 -3.06 17.96
N ASP B 122 -3.77 -2.76 17.16
CA ASP B 122 -4.95 -2.06 17.67
C ASP B 122 -5.63 -2.83 18.79
N ASP B 123 -5.52 -4.16 18.80
CA ASP B 123 -6.24 -4.99 19.75
C ASP B 123 -5.57 -5.07 21.12
N VAL B 124 -4.39 -4.48 21.27
CA VAL B 124 -3.71 -4.45 22.56
C VAL B 124 -4.27 -3.27 23.37
N ARG B 125 -5.05 -3.55 24.42
CA ARG B 125 -5.71 -2.50 25.18
C ARG B 125 -5.46 -2.49 26.68
N ASP B 126 -4.70 -3.44 27.23
CA ASP B 126 -4.41 -3.44 28.65
C ASP B 126 -2.99 -3.94 28.89
N LYS B 127 -2.57 -3.85 30.15
CA LYS B 127 -1.20 -4.20 30.52
C LYS B 127 -0.89 -5.65 30.15
N ALA B 128 -1.83 -6.58 30.40
CA ALA B 128 -1.57 -7.98 30.10
C ALA B 128 -1.34 -8.20 28.60
N ALA B 129 -2.14 -7.55 27.75
CA ALA B 129 -1.99 -7.75 26.32
C ALA B 129 -0.73 -7.08 25.81
N LEU B 130 -0.33 -5.97 26.41
CA LEU B 130 0.91 -5.30 26.01
C LEU B 130 2.11 -6.20 26.32
N LEU B 131 2.14 -6.78 27.52
CA LEU B 131 3.18 -7.75 27.85
C LEU B 131 3.15 -8.92 26.88
N HIS B 132 1.95 -9.44 26.62
CA HIS B 132 1.84 -10.58 25.72
C HIS B 132 2.39 -10.25 24.33
N PHE B 133 2.09 -9.05 23.84
CA PHE B 133 2.57 -8.65 22.52
C PHE B 133 4.09 -8.67 22.45
N TYR B 134 4.76 -8.01 23.41
CA TYR B 134 6.22 -7.98 23.39
C TYR B 134 6.82 -9.35 23.68
N GLN B 135 6.17 -10.13 24.56
CA GLN B 135 6.67 -11.47 24.91
C GLN B 135 6.67 -12.40 23.70
N ASN B 136 5.77 -12.20 22.76
CA ASN B 136 5.62 -13.13 21.65
C ASN B 136 6.12 -12.57 20.33
N TRP B 137 6.62 -11.35 20.32
CA TRP B 137 7.19 -10.77 19.11
C TRP B 137 8.47 -11.52 18.73
N GLN B 138 8.60 -11.80 17.44
CA GLN B 138 9.79 -12.51 16.96
C GLN B 138 10.66 -11.58 16.13
N PRO B 139 11.94 -11.39 16.48
CA PRO B 139 12.81 -10.51 15.70
C PRO B 139 13.11 -11.07 14.32
N GLN B 140 13.30 -10.16 13.38
CA GLN B 140 13.72 -10.49 12.04
C GLN B 140 15.24 -10.54 11.90
N TRP B 141 15.96 -9.77 12.72
N TRP B 141 15.97 -9.81 12.74
CA TRP B 141 17.42 -9.70 12.67
CA TRP B 141 17.42 -9.84 12.68
C TRP B 141 17.95 -9.67 14.10
C TRP B 141 17.97 -9.60 14.07
N THR B 142 19.25 -9.87 14.23
CA THR B 142 19.88 -9.73 15.53
C THR B 142 19.97 -8.23 15.88
N PRO B 143 19.99 -7.89 17.17
CA PRO B 143 20.04 -6.46 17.53
C PRO B 143 21.27 -5.78 16.95
N GLY B 144 21.07 -4.56 16.46
CA GLY B 144 22.15 -3.83 15.83
C GLY B 144 22.38 -4.13 14.35
N ALA B 145 21.65 -5.08 13.77
CA ALA B 145 21.85 -5.38 12.35
C ALA B 145 21.28 -4.28 11.47
N LYS B 146 20.04 -3.90 11.71
CA LYS B 146 19.34 -2.96 10.84
C LYS B 146 18.60 -1.94 11.69
N ARG B 147 18.42 -0.76 11.11
CA ARG B 147 17.49 0.23 11.63
C ARG B 147 16.16 0.06 10.90
N LEU B 148 15.08 -0.10 11.65
CA LEU B 148 13.73 -0.16 11.09
C LEU B 148 12.86 0.73 11.96
N TYR B 149 12.51 1.91 11.44
N TYR B 149 12.54 1.93 11.46
CA TYR B 149 11.74 2.90 12.18
CA TYR B 149 11.79 2.90 12.24
C TYR B 149 10.46 2.28 12.73
C TYR B 149 10.48 2.28 12.74
N ALA B 150 10.13 2.58 13.99
CA ALA B 150 8.89 2.08 14.58
C ALA B 150 8.45 2.97 15.73
N ASN B 151 7.16 2.98 16.00
CA ASN B 151 6.68 3.60 17.23
C ASN B 151 6.81 2.67 18.42
N SER B 152 6.73 1.36 18.17
CA SER B 152 6.63 0.42 19.28
C SER B 152 7.96 0.19 19.97
N SER B 153 9.08 0.54 19.32
CA SER B 153 10.39 0.39 19.95
C SER B 153 10.70 1.61 20.82
N ILE B 154 10.76 2.80 20.22
CA ILE B 154 11.08 3.98 21.01
C ILE B 154 9.98 4.29 22.00
N GLY B 155 8.74 3.91 21.70
CA GLY B 155 7.67 4.08 22.68
C GLY B 155 7.95 3.30 23.96
N LEU B 156 8.40 2.05 23.81
CA LEU B 156 8.74 1.27 24.99
C LEU B 156 9.97 1.85 25.69
N PHE B 157 10.96 2.31 24.93
CA PHE B 157 12.12 2.97 25.56
C PHE B 157 11.67 4.08 26.52
N GLY B 158 10.76 4.94 26.07
CA GLY B 158 10.33 6.05 26.92
C GLY B 158 9.63 5.57 28.19
N ALA B 159 8.80 4.55 28.06
CA ALA B 159 8.11 4.03 29.24
C ALA B 159 9.10 3.43 30.24
N LEU B 160 10.15 2.78 29.74
CA LEU B 160 11.10 2.14 30.65
C LEU B 160 12.06 3.17 31.24
N ALA B 161 12.46 4.17 30.44
CA ALA B 161 13.46 5.14 30.87
C ALA B 161 13.02 5.93 32.08
N VAL B 162 11.71 6.14 32.26
CA VAL B 162 11.20 6.90 33.40
C VAL B 162 10.98 6.05 34.64
N LYS B 163 11.14 4.73 34.57
CA LYS B 163 10.84 3.92 35.74
C LYS B 163 11.68 4.27 36.96
N PRO B 164 12.99 4.51 36.86
CA PRO B 164 13.74 4.86 38.08
C PRO B 164 13.21 6.11 38.78
N SER B 165 12.68 7.06 38.02
CA SER B 165 12.20 8.30 38.61
C SER B 165 10.96 8.12 39.46
N GLY B 166 10.23 7.01 39.29
CA GLY B 166 8.98 6.83 40.00
C GLY B 166 7.78 7.57 39.41
N MET B 167 8.00 8.41 38.40
CA MET B 167 6.94 9.19 37.79
C MET B 167 6.42 8.49 36.54
N SER B 168 5.16 8.77 36.21
CA SER B 168 4.65 8.39 34.90
C SER B 168 5.41 9.16 33.82
N TYR B 169 5.33 8.65 32.60
CA TYR B 169 5.98 9.33 31.49
C TYR B 169 5.53 10.79 31.37
N GLU B 170 4.22 11.04 31.46
CA GLU B 170 3.73 12.41 31.34
C GLU B 170 4.21 13.28 32.49
N GLU B 171 4.21 12.72 33.70
N GLU B 171 4.20 12.74 33.72
CA GLU B 171 4.68 13.47 34.86
CA GLU B 171 4.68 13.51 34.85
C GLU B 171 6.16 13.80 34.75
C GLU B 171 6.17 13.83 34.71
N ALA B 172 6.98 12.84 34.33
CA ALA B 172 8.41 13.09 34.21
C ALA B 172 8.70 14.09 33.09
N MET B 173 8.02 13.95 31.95
CA MET B 173 8.20 14.90 30.87
C MET B 173 7.89 16.32 31.33
N THR B 174 6.79 16.47 32.07
CA THR B 174 6.39 17.80 32.53
C THR B 174 7.41 18.38 33.51
N ARG B 175 7.82 17.58 34.49
CA ARG B 175 8.70 18.09 35.54
C ARG B 175 10.12 18.33 35.04
N ARG B 176 10.62 17.45 34.18
CA ARG B 176 12.04 17.45 33.85
C ARG B 176 12.36 18.14 32.53
N VAL B 177 11.37 18.36 31.67
CA VAL B 177 11.64 18.95 30.36
C VAL B 177 10.76 20.18 30.10
N LEU B 178 9.43 20.00 30.17
CA LEU B 178 8.53 21.08 29.76
C LEU B 178 8.61 22.28 30.72
N GLN B 179 8.51 22.01 32.03
CA GLN B 179 8.56 23.10 33.00
C GLN B 179 9.89 23.85 33.00
N PRO B 180 11.06 23.18 33.03
CA PRO B 180 12.31 23.94 33.01
C PRO B 180 12.49 24.79 31.76
N LEU B 181 11.97 24.33 30.61
CA LEU B 181 12.09 25.07 29.36
C LEU B 181 10.94 26.04 29.14
N LYS B 182 10.01 26.14 30.10
CA LYS B 182 8.89 27.07 30.01
C LYS B 182 8.01 26.79 28.80
N LEU B 183 7.81 25.51 28.54
CA LEU B 183 6.92 25.05 27.48
C LEU B 183 5.54 24.82 28.11
N ALA B 184 4.80 25.91 28.27
CA ALA B 184 3.53 25.90 28.96
C ALA B 184 2.35 25.58 28.05
N HIS B 185 2.60 25.39 26.77
CA HIS B 185 1.58 25.10 25.78
C HIS B 185 1.95 23.87 24.99
N THR B 186 2.53 22.89 25.69
CA THR B 186 2.92 21.60 25.12
C THR B 186 2.31 20.54 26.00
N TRP B 187 1.55 19.63 25.39
CA TRP B 187 0.70 18.75 26.17
C TRP B 187 0.71 17.34 25.63
N ILE B 188 0.68 16.38 26.54
CA ILE B 188 0.27 15.03 26.18
C ILE B 188 -1.24 14.93 26.22
N THR B 189 -1.86 15.45 27.28
CA THR B 189 -3.30 15.56 27.41
C THR B 189 -3.63 17.04 27.42
N VAL B 190 -4.38 17.50 26.41
CA VAL B 190 -4.78 18.91 26.34
C VAL B 190 -5.84 19.21 27.39
N PRO B 191 -5.60 20.14 28.31
CA PRO B 191 -6.60 20.42 29.35
C PRO B 191 -7.84 21.11 28.76
N GLN B 192 -8.94 21.05 29.52
CA GLN B 192 -10.21 21.61 29.10
C GLN B 192 -10.09 23.06 28.66
N ASN B 193 -9.40 23.89 29.43
N ASN B 193 -9.37 23.89 29.43
CA ASN B 193 -9.32 25.31 29.11
CA ASN B 193 -9.26 25.32 29.15
C ASN B 193 -8.46 25.58 27.89
C ASN B 193 -8.23 25.64 28.09
N GLU B 194 -7.65 24.62 27.46
CA GLU B 194 -6.83 24.80 26.26
C GLU B 194 -7.45 24.13 25.03
N GLN B 195 -8.56 23.40 25.19
CA GLN B 195 -9.16 22.71 24.04
C GLN B 195 -9.56 23.66 22.93
N LYS B 196 -10.01 24.88 23.28
CA LYS B 196 -10.43 25.80 22.22
C LYS B 196 -9.27 26.17 21.31
N ASP B 197 -8.02 26.00 21.76
CA ASP B 197 -6.85 26.27 20.94
C ASP B 197 -6.35 25.06 20.17
N TYR B 198 -6.99 23.89 20.33
CA TYR B 198 -6.51 22.66 19.70
C TYR B 198 -7.10 22.63 18.29
N ALA B 199 -6.24 22.81 17.30
CA ALA B 199 -6.72 22.80 15.91
C ALA B 199 -7.36 21.46 15.60
N TRP B 200 -8.33 21.49 14.68
CA TRP B 200 -8.75 20.26 14.02
C TRP B 200 -7.76 19.91 12.93
N GLY B 201 -7.43 18.63 12.83
CA GLY B 201 -6.72 18.15 11.66
C GLY B 201 -7.72 17.88 10.55
N TYR B 202 -7.25 17.86 9.30
CA TYR B 202 -8.13 17.64 8.16
C TYR B 202 -7.62 16.47 7.34
N ARG B 203 -8.45 15.45 7.18
CA ARG B 203 -8.11 14.28 6.37
C ARG B 203 -9.29 14.07 5.42
N GLU B 204 -9.00 14.10 4.13
N GLU B 204 -9.00 14.08 4.13
CA GLU B 204 -10.03 13.96 3.10
CA GLU B 204 -10.04 13.95 3.11
C GLU B 204 -11.16 14.97 3.30
C GLU B 204 -11.17 14.96 3.33
N GLY B 205 -10.80 16.17 3.73
CA GLY B 205 -11.77 17.24 3.87
C GLY B 205 -12.68 17.13 5.07
N LYS B 206 -12.30 16.33 6.07
CA LYS B 206 -13.08 16.16 7.29
C LYS B 206 -12.23 16.45 8.51
N PRO B 207 -12.79 17.08 9.54
CA PRO B 207 -12.01 17.42 10.74
C PRO B 207 -11.78 16.18 11.60
N VAL B 208 -10.54 15.96 12.02
CA VAL B 208 -10.18 14.79 12.80
C VAL B 208 -9.18 15.15 13.90
N HIS B 209 -9.22 14.39 14.99
CA HIS B 209 -8.18 14.38 16.00
C HIS B 209 -7.68 12.95 16.16
N SER B 210 -6.43 12.83 16.60
N SER B 210 -6.45 12.82 16.65
CA SER B 210 -5.83 11.52 16.77
CA SER B 210 -5.86 11.50 16.80
C SER B 210 -6.55 10.73 17.85
C SER B 210 -6.50 10.73 17.94
N SER B 211 -6.55 9.43 17.69
N SER B 211 -6.64 9.43 17.74
CA SER B 211 -7.13 8.54 18.68
CA SER B 211 -7.19 8.46 18.67
C SER B 211 -6.05 8.02 19.61
C SER B 211 -6.09 7.90 19.58
N PRO B 212 -6.41 7.67 20.85
CA PRO B 212 -5.40 7.14 21.77
C PRO B 212 -5.00 5.72 21.41
N GLY B 213 -3.80 5.36 21.84
CA GLY B 213 -3.30 4.02 21.69
C GLY B 213 -2.24 3.74 22.73
N GLN B 214 -1.85 2.47 22.82
CA GLN B 214 -0.80 2.10 23.75
C GLN B 214 0.50 2.80 23.40
N LEU B 215 1.17 3.31 24.44
CA LEU B 215 2.47 3.99 24.30
C LEU B 215 2.42 5.12 23.27
N ASP B 216 1.30 5.84 23.28
CA ASP B 216 1.11 6.92 22.32
C ASP B 216 1.92 8.16 22.73
N ALA B 217 1.82 8.58 23.99
CA ALA B 217 2.51 9.79 24.43
C ALA B 217 4.00 9.71 24.13
N GLU B 218 4.57 8.50 24.30
CA GLU B 218 6.00 8.26 24.17
C GLU B 218 6.49 8.32 22.74
N ALA B 219 5.62 8.11 21.76
CA ALA B 219 6.06 7.99 20.37
C ALA B 219 5.45 9.02 19.45
N TYR B 220 4.18 9.39 19.67
CA TYR B 220 3.51 10.21 18.66
C TYR B 220 2.43 11.13 19.21
N GLY B 221 2.25 11.24 20.54
CA GLY B 221 1.05 11.83 21.09
C GLY B 221 1.14 13.24 21.62
N VAL B 222 2.21 13.98 21.35
CA VAL B 222 2.37 15.33 21.92
C VAL B 222 1.68 16.36 21.02
N LYS B 223 1.08 17.38 21.66
CA LYS B 223 0.52 18.54 20.98
C LYS B 223 1.29 19.78 21.41
N SER B 224 1.51 20.72 20.49
CA SER B 224 2.24 21.93 20.88
C SER B 224 1.91 23.09 19.94
N SER B 225 2.26 24.30 20.39
CA SER B 225 2.06 25.54 19.64
C SER B 225 3.34 25.93 18.93
N VAL B 226 3.24 26.93 18.05
CA VAL B 226 4.41 27.39 17.33
C VAL B 226 5.39 28.11 18.27
N ILE B 227 4.88 28.80 19.30
CA ILE B 227 5.78 29.43 20.25
C ILE B 227 6.59 28.39 21.00
N ASP B 228 5.92 27.35 21.50
CA ASP B 228 6.66 26.35 22.26
C ASP B 228 7.62 25.58 21.35
N MET B 229 7.20 25.27 20.13
CA MET B 229 8.08 24.54 19.24
C MET B 229 9.28 25.36 18.81
N ALA B 230 9.13 26.67 18.63
CA ALA B 230 10.28 27.53 18.39
C ALA B 230 11.24 27.51 19.58
N ARG B 231 10.70 27.56 20.80
N ARG B 231 10.70 27.59 20.80
CA ARG B 231 11.56 27.50 21.98
CA ARG B 231 11.56 27.50 21.98
C ARG B 231 12.24 26.14 22.08
C ARG B 231 12.26 26.15 22.05
N TRP B 232 11.54 25.08 21.68
CA TRP B 232 12.12 23.75 21.69
C TRP B 232 13.29 23.66 20.72
N VAL B 233 13.13 24.18 19.50
CA VAL B 233 14.25 24.21 18.56
C VAL B 233 15.39 25.06 19.11
N GLN B 234 15.07 26.23 19.64
CA GLN B 234 16.09 27.11 20.18
C GLN B 234 16.93 26.39 21.23
N ALA B 235 16.28 25.72 22.18
CA ALA B 235 16.98 25.10 23.28
C ALA B 235 17.77 23.89 22.83
N ASN B 236 17.21 23.10 21.88
CA ASN B 236 17.98 21.96 21.37
C ASN B 236 19.18 22.41 20.54
N MET B 237 19.04 23.53 19.83
CA MET B 237 20.15 24.04 19.03
C MET B 237 21.26 24.61 19.91
N ASP B 238 20.89 25.35 20.98
CA ASP B 238 21.87 26.01 21.87
C ASP B 238 21.31 25.94 23.29
N ALA B 239 21.80 24.99 24.07
CA ALA B 239 21.37 24.81 25.45
C ALA B 239 22.33 25.44 26.45
N SER B 240 23.16 26.38 25.99
N SER B 240 23.18 26.36 25.99
CA SER B 240 24.25 26.87 26.83
CA SER B 240 24.26 26.88 26.84
C SER B 240 23.75 27.67 28.03
C SER B 240 23.70 27.56 28.09
N HIS B 241 22.52 28.15 28.00
CA HIS B 241 21.93 28.89 29.11
C HIS B 241 20.87 28.11 29.87
N VAL B 242 20.70 26.82 29.56
CA VAL B 242 19.85 25.96 30.36
C VAL B 242 20.52 25.70 31.70
N GLN B 243 19.88 26.09 32.79
N GLN B 243 19.89 26.12 32.79
CA GLN B 243 20.48 26.06 34.12
CA GLN B 243 20.49 26.04 34.11
C GLN B 243 20.33 24.73 34.84
C GLN B 243 20.50 24.63 34.67
N GLU B 244 19.50 23.82 34.34
CA GLU B 244 19.38 22.48 34.91
C GLU B 244 20.41 21.61 34.21
N LYS B 245 21.45 21.21 34.96
N LYS B 245 21.46 21.21 34.95
CA LYS B 245 22.63 20.62 34.33
CA LYS B 245 22.63 20.62 34.31
C LYS B 245 22.29 19.32 33.60
C LYS B 245 22.33 19.29 33.62
N THR B 246 21.47 18.45 34.22
CA THR B 246 21.19 17.18 33.57
C THR B 246 20.33 17.35 32.33
N LEU B 247 19.51 18.41 32.29
CA LEU B 247 18.71 18.69 31.09
C LEU B 247 19.60 19.25 29.98
N GLN B 248 20.50 20.17 30.32
CA GLN B 248 21.48 20.63 29.36
C GLN B 248 22.27 19.46 28.78
N GLN B 249 22.72 18.54 29.64
CA GLN B 249 23.48 17.38 29.17
C GLN B 249 22.59 16.44 28.36
N GLY B 250 21.34 16.26 28.80
CA GLY B 250 20.44 15.36 28.08
C GLY B 250 20.12 15.85 26.69
N ILE B 251 19.95 17.16 26.53
CA ILE B 251 19.80 17.75 25.19
C ILE B 251 21.01 17.40 24.34
N ALA B 252 22.22 17.56 24.89
CA ALA B 252 23.42 17.23 24.12
C ALA B 252 23.42 15.75 23.73
N LEU B 253 23.08 14.87 24.68
CA LEU B 253 23.14 13.45 24.41
C LEU B 253 22.14 13.03 23.33
N ALA B 254 21.01 13.72 23.21
CA ALA B 254 20.05 13.37 22.16
C ALA B 254 20.58 13.68 20.78
N GLN B 255 21.60 14.55 20.69
CA GLN B 255 22.30 14.85 19.43
C GLN B 255 23.63 14.13 19.29
N SER B 256 23.96 13.23 20.20
CA SER B 256 25.08 12.33 19.94
C SER B 256 24.72 11.39 18.79
N ARG B 257 25.73 10.87 18.11
CA ARG B 257 25.52 9.95 16.99
C ARG B 257 25.69 8.52 17.47
N TYR B 258 24.60 7.74 17.41
CA TYR B 258 24.55 6.38 17.93
C TYR B 258 24.71 5.31 16.85
N TRP B 259 24.28 5.63 15.62
CA TRP B 259 24.37 4.71 14.49
C TRP B 259 24.56 5.55 13.24
N ARG B 260 25.27 4.98 12.26
N ARG B 260 25.22 4.95 12.25
CA ARG B 260 25.32 5.52 10.91
CA ARG B 260 25.32 5.52 10.91
C ARG B 260 24.47 4.63 10.00
C ARG B 260 24.51 4.64 9.96
N ILE B 261 23.60 5.24 9.22
CA ILE B 261 22.74 4.54 8.27
C ILE B 261 22.85 5.31 6.97
N GLY B 262 23.72 4.86 6.07
CA GLY B 262 24.00 5.67 4.88
C GLY B 262 24.66 6.97 5.29
N ASP B 263 24.09 8.11 4.89
N ASP B 263 24.06 8.08 4.86
CA ASP B 263 24.64 9.38 5.35
CA ASP B 263 24.55 9.41 5.20
C ASP B 263 23.86 9.99 6.49
C ASP B 263 23.73 10.08 6.30
N MET B 264 22.94 9.25 7.09
N MET B 264 22.95 9.31 7.05
CA MET B 264 22.23 9.76 8.24
CA MET B 264 22.25 9.81 8.22
C MET B 264 22.80 9.14 9.51
C MET B 264 22.80 9.16 9.48
N TYR B 265 22.74 9.89 10.59
CA TYR B 265 23.13 9.41 11.89
C TYR B 265 21.94 9.51 12.84
N GLN B 266 21.68 8.43 13.57
CA GLN B 266 20.54 8.37 14.47
C GLN B 266 20.94 8.93 15.83
N GLY B 267 20.22 9.94 16.31
CA GLY B 267 20.34 10.40 17.69
C GLY B 267 19.28 9.74 18.54
N LEU B 268 18.91 10.42 19.64
CA LEU B 268 17.76 9.99 20.44
C LEU B 268 16.58 10.82 19.96
N GLY B 269 15.76 10.23 19.10
CA GLY B 269 14.67 10.97 18.49
C GLY B 269 15.10 11.80 17.30
N TRP B 270 16.00 12.76 17.54
CA TRP B 270 16.56 13.53 16.42
C TRP B 270 17.32 12.62 15.46
N GLU B 271 17.29 13.01 14.18
CA GLU B 271 18.13 12.43 13.13
C GLU B 271 19.04 13.51 12.60
N MET B 272 20.26 13.12 12.17
N MET B 272 20.23 13.13 12.13
CA MET B 272 21.26 14.09 11.77
CA MET B 272 21.23 14.13 11.76
C MET B 272 21.93 13.72 10.45
C MET B 272 21.99 13.74 10.50
N LEU B 273 22.30 14.74 9.68
CA LEU B 273 23.20 14.57 8.55
C LEU B 273 24.33 15.59 8.68
N ASN B 274 25.50 15.26 8.16
CA ASN B 274 26.56 16.25 8.16
C ASN B 274 26.17 17.46 7.31
N TRP B 275 26.62 18.63 7.75
CA TRP B 275 26.49 19.90 7.03
C TRP B 275 27.88 20.33 6.55
N PRO B 276 28.01 20.83 5.31
CA PRO B 276 26.96 21.11 4.32
C PRO B 276 26.51 19.84 3.64
N LEU B 277 25.38 19.96 2.94
CA LEU B 277 24.79 18.81 2.26
C LEU B 277 23.96 19.31 1.09
N LYS B 278 23.58 18.37 0.22
CA LYS B 278 22.67 18.66 -0.90
C LYS B 278 21.22 18.44 -0.50
N ALA B 279 20.33 19.33 -0.98
CA ALA B 279 18.91 19.21 -0.64
C ALA B 279 18.35 17.83 -0.98
N ASP B 280 18.79 17.26 -2.11
CA ASP B 280 18.20 15.99 -2.53
C ASP B 280 18.42 14.88 -1.51
N SER B 281 19.52 14.95 -0.75
N SER B 281 19.53 14.95 -0.76
CA SER B 281 19.78 13.90 0.24
CA SER B 281 19.81 13.94 0.24
C SER B 281 18.70 13.85 1.31
C SER B 281 18.70 13.86 1.29
N ILE B 282 18.29 15.02 1.84
CA ILE B 282 17.23 15.01 2.84
C ILE B 282 15.85 14.88 2.21
N ILE B 283 15.63 15.48 1.03
CA ILE B 283 14.33 15.34 0.38
C ILE B 283 14.06 13.89 0.03
N ASN B 284 15.01 13.25 -0.67
CA ASN B 284 14.83 11.85 -1.04
C ASN B 284 14.82 10.95 0.18
N GLY B 285 15.62 11.28 1.20
CA GLY B 285 15.63 10.46 2.40
C GLY B 285 14.33 10.50 3.19
N SER B 286 13.53 11.54 2.99
CA SER B 286 12.27 11.71 3.73
C SER B 286 11.12 10.93 3.11
N ASP B 287 11.27 10.51 1.86
CA ASP B 287 10.23 9.72 1.22
C ASP B 287 10.03 8.46 2.03
N SER B 288 8.76 8.09 2.25
CA SER B 288 8.45 6.94 3.09
C SER B 288 9.10 5.67 2.57
N LYS B 289 9.35 5.59 1.26
CA LYS B 289 9.98 4.39 0.71
C LYS B 289 11.41 4.21 1.23
N VAL B 290 12.07 5.28 1.64
CA VAL B 290 13.39 5.20 2.28
C VAL B 290 13.27 5.26 3.79
N ALA B 291 12.51 6.23 4.30
CA ALA B 291 12.46 6.46 5.73
C ALA B 291 11.89 5.26 6.50
N LEU B 292 11.01 4.46 5.89
CA LEU B 292 10.40 3.33 6.57
C LEU B 292 11.07 2.00 6.22
N ALA B 293 12.14 2.03 5.44
CA ALA B 293 12.80 0.80 5.01
C ALA B 293 13.74 0.27 6.09
N ALA B 294 13.95 -1.04 6.08
CA ALA B 294 14.93 -1.67 6.95
C ALA B 294 16.31 -1.56 6.30
N LEU B 295 17.21 -0.82 6.94
CA LEU B 295 18.49 -0.52 6.33
C LEU B 295 19.64 -0.95 7.23
N PRO B 296 20.78 -1.36 6.64
CA PRO B 296 21.93 -1.71 7.48
C PRO B 296 22.37 -0.54 8.35
N ALA B 297 22.67 -0.84 9.61
CA ALA B 297 23.11 0.16 10.58
C ALA B 297 24.51 -0.16 11.12
N VAL B 298 25.32 0.89 11.29
CA VAL B 298 26.68 0.74 11.82
C VAL B 298 26.74 1.43 13.18
N GLU B 299 27.09 0.69 14.22
CA GLU B 299 27.07 1.28 15.55
C GLU B 299 28.20 2.28 15.73
N VAL B 300 27.91 3.36 16.44
CA VAL B 300 28.93 4.34 16.83
C VAL B 300 29.07 4.17 18.32
N ASN B 301 30.15 3.53 18.76
CA ASN B 301 30.31 3.14 20.17
C ASN B 301 31.71 3.53 20.61
N PRO B 302 31.86 4.47 21.56
CA PRO B 302 30.75 5.16 22.25
C PRO B 302 30.07 6.16 21.30
N PRO B 303 28.89 6.64 21.66
CA PRO B 303 28.19 7.62 20.81
C PRO B 303 29.05 8.86 20.62
N ALA B 304 29.14 9.33 19.37
CA ALA B 304 30.00 10.47 19.10
C ALA B 304 29.30 11.73 19.55
N PRO B 305 29.99 12.62 20.25
CA PRO B 305 29.35 13.84 20.75
C PRO B 305 28.91 14.77 19.62
N ALA B 306 27.87 15.56 19.92
CA ALA B 306 27.27 16.43 18.92
C ALA B 306 28.31 17.35 18.28
N VAL B 307 28.18 17.55 16.97
CA VAL B 307 28.97 18.50 16.21
C VAL B 307 28.07 19.59 15.64
N LYS B 308 28.60 20.81 15.59
CA LYS B 308 27.81 21.95 15.14
C LYS B 308 27.43 21.82 13.67
N ALA B 309 28.29 21.20 12.86
CA ALA B 309 28.07 21.12 11.41
C ALA B 309 27.16 19.93 11.11
N SER B 310 25.89 20.11 11.48
N SER B 310 25.90 20.09 11.52
CA SER B 310 24.89 19.07 11.35
CA SER B 310 24.89 19.07 11.34
C SER B 310 23.55 19.68 10.97
C SER B 310 23.59 19.74 10.88
N TRP B 311 22.83 19.00 10.09
CA TRP B 311 21.41 19.27 9.86
C TRP B 311 20.67 18.30 10.77
N VAL B 312 19.98 18.84 11.78
CA VAL B 312 19.30 18.04 12.80
C VAL B 312 17.81 18.19 12.56
N HIS B 313 17.08 17.08 12.46
CA HIS B 313 15.68 17.24 12.02
C HIS B 313 14.81 16.06 12.42
N LYS B 314 13.49 16.25 12.27
CA LYS B 314 12.53 15.17 12.47
C LYS B 314 11.22 15.53 11.78
N THR B 315 10.66 14.58 11.03
CA THR B 315 9.32 14.69 10.49
C THR B 315 8.30 14.05 11.45
N GLY B 316 7.04 14.41 11.28
CA GLY B 316 6.01 13.76 12.07
C GLY B 316 4.64 14.02 11.49
N SER B 317 3.75 13.03 11.63
CA SER B 317 2.40 13.19 11.09
C SER B 317 1.40 12.45 11.98
N THR B 318 0.14 12.86 11.86
CA THR B 318 -0.95 12.03 12.34
C THR B 318 -1.99 12.00 11.22
N GLY B 319 -3.15 11.42 11.45
CA GLY B 319 -4.14 11.35 10.38
C GLY B 319 -4.45 12.71 9.80
N GLY B 320 -4.46 13.75 10.63
CA GLY B 320 -4.88 15.07 10.21
C GLY B 320 -3.82 16.16 10.22
N PHE B 321 -2.56 15.83 10.54
CA PHE B 321 -1.53 16.84 10.76
C PHE B 321 -0.21 16.42 10.13
N GLY B 322 0.57 17.41 9.73
CA GLY B 322 1.93 17.18 9.26
C GLY B 322 2.87 18.24 9.80
N SER B 323 3.97 17.81 10.40
N SER B 323 3.98 17.80 10.38
CA SER B 323 4.93 18.70 11.03
CA SER B 323 4.93 18.69 11.05
C SER B 323 6.33 18.40 10.49
C SER B 323 6.34 18.38 10.57
N TYR B 324 7.21 19.39 10.65
CA TYR B 324 8.63 19.21 10.35
C TYR B 324 9.40 20.23 11.16
N VAL B 325 10.50 19.78 11.79
N VAL B 325 10.54 19.78 11.68
CA VAL B 325 11.41 20.67 12.49
CA VAL B 325 11.43 20.62 12.47
C VAL B 325 12.84 20.36 12.04
C VAL B 325 12.85 20.34 12.01
N ALA B 326 13.64 21.40 11.83
CA ALA B 326 15.03 21.20 11.41
C ALA B 326 15.88 22.37 11.91
N PHE B 327 17.16 22.11 12.20
CA PHE B 327 18.04 23.19 12.60
C PHE B 327 19.48 22.83 12.29
N VAL B 328 20.30 23.87 12.18
CA VAL B 328 21.73 23.74 11.85
C VAL B 328 22.50 24.52 12.90
N PRO B 329 23.06 23.85 13.92
CA PRO B 329 23.70 24.63 15.02
C PRO B 329 24.83 25.53 14.55
N GLU B 330 25.60 25.10 13.55
CA GLU B 330 26.70 25.90 13.02
C GLU B 330 26.22 27.27 12.53
N LYS B 331 24.99 27.36 12.04
CA LYS B 331 24.47 28.60 11.49
C LYS B 331 23.47 29.30 12.43
N ASN B 332 23.15 28.70 13.58
CA ASN B 332 22.15 29.27 14.49
C ASN B 332 20.81 29.49 13.78
N LEU B 333 20.47 28.54 12.92
CA LEU B 333 19.37 28.66 11.97
C LEU B 333 18.48 27.43 12.10
N GLY B 334 17.16 27.65 12.09
CA GLY B 334 16.26 26.52 12.17
C GLY B 334 14.86 26.90 11.75
N ILE B 335 13.98 25.89 11.71
CA ILE B 335 12.61 26.12 11.27
C ILE B 335 11.69 25.12 11.94
N VAL B 336 10.48 25.59 12.24
CA VAL B 336 9.34 24.77 12.67
C VAL B 336 8.23 24.99 11.64
N MET B 337 7.66 23.90 11.12
CA MET B 337 6.50 23.99 10.21
C MET B 337 5.40 23.09 10.75
N LEU B 338 4.29 23.69 11.18
CA LEU B 338 3.15 22.96 11.71
C LEU B 338 1.95 23.17 10.78
N ALA B 339 1.28 22.09 10.40
CA ALA B 339 0.13 22.15 9.50
C ALA B 339 -0.95 21.21 9.99
N ASN B 340 -2.21 21.62 9.82
CA ASN B 340 -3.35 20.76 10.16
C ASN B 340 -3.89 20.01 8.94
N LYS B 341 -2.96 19.56 8.09
CA LYS B 341 -3.21 18.51 7.10
C LYS B 341 -1.88 17.79 6.91
N SER B 342 -1.93 16.46 6.81
CA SER B 342 -0.75 15.71 6.42
C SER B 342 -0.51 15.84 4.93
N TYR B 343 0.70 16.19 4.53
CA TYR B 343 1.07 16.36 3.13
C TYR B 343 2.45 15.72 2.94
N PRO B 344 2.85 15.44 1.70
CA PRO B 344 4.00 14.53 1.50
C PRO B 344 5.29 15.00 2.16
N TYR B 345 6.01 14.06 2.77
CA TYR B 345 7.28 14.40 3.42
C TYR B 345 8.25 15.15 2.52
N PRO B 346 8.52 14.72 1.29
CA PRO B 346 9.48 15.46 0.48
C PRO B 346 9.04 16.88 0.20
N VAL B 347 7.74 17.13 0.14
CA VAL B 347 7.23 18.49 -0.05
C VAL B 347 7.54 19.36 1.17
N ARG B 348 7.40 18.80 2.39
CA ARG B 348 7.75 19.55 3.60
C ARG B 348 9.23 19.91 3.59
N VAL B 349 10.08 18.91 3.33
CA VAL B 349 11.53 19.14 3.41
C VAL B 349 11.98 20.13 2.36
N GLU B 350 11.45 20.02 1.14
CA GLU B 350 11.83 20.95 0.09
C GLU B 350 11.43 22.38 0.45
N ALA B 351 10.25 22.56 1.03
CA ALA B 351 9.83 23.91 1.44
C ALA B 351 10.71 24.46 2.55
N ALA B 352 11.06 23.64 3.55
CA ALA B 352 11.96 24.09 4.60
C ALA B 352 13.31 24.47 4.03
N TRP B 353 13.84 23.64 3.13
CA TRP B 353 15.13 23.93 2.50
C TRP B 353 15.08 25.25 1.75
N ARG B 354 14.01 25.47 0.98
CA ARG B 354 13.93 26.68 0.17
C ARG B 354 13.99 27.93 1.04
N ILE B 355 13.30 27.90 2.19
CA ILE B 355 13.32 29.03 3.11
C ILE B 355 14.71 29.18 3.72
N LEU B 356 15.26 28.11 4.28
CA LEU B 356 16.53 28.24 5.00
C LEU B 356 17.71 28.55 4.08
N GLU B 357 17.67 28.06 2.84
N GLU B 357 17.68 28.05 2.85
CA GLU B 357 18.76 28.36 1.91
CA GLU B 357 18.75 28.37 1.90
C GLU B 357 18.85 29.84 1.57
C GLU B 357 18.88 29.87 1.69
N LYS B 358 17.76 30.59 1.69
CA LYS B 358 17.79 32.04 1.49
C LYS B 358 18.25 32.80 2.72
N LEU B 359 18.49 32.13 3.84
CA LEU B 359 18.84 32.79 5.09
C LEU B 359 20.26 32.45 5.54
N GLN B 360 21.11 31.98 4.64
CA GLN B 360 22.49 31.66 4.99
C GLN B 360 23.30 32.93 5.23
S SO4 C . -1.72 -16.89 -3.94
O1 SO4 C . -3.03 -16.90 -4.58
O2 SO4 C . -1.71 -18.03 -3.00
O3 SO4 C . -1.54 -15.62 -3.26
O4 SO4 C . -0.74 -17.10 -5.00
S SO4 D . -4.23 8.86 14.07
O1 SO4 D . -5.35 8.45 14.93
O2 SO4 D . -3.01 8.78 14.89
O3 SO4 D . -4.35 10.24 13.67
O4 SO4 D . -4.06 7.95 12.94
#